data_1CE3
#
_entry.id   1CE3
#
_cell.length_a   1.000
_cell.length_b   1.000
_cell.length_c   1.000
_cell.angle_alpha   90.00
_cell.angle_beta   90.00
_cell.angle_gamma   90.00
#
_symmetry.space_group_name_H-M   'P 1'
#
_entity_poly.entity_id   1
_entity_poly.type   'polypeptide(L)'
_entity_poly.pdbx_seq_one_letter_code
;MKACTLNCDPRIAYGVCPRSEEKKNDRICTNCCAGTKGCKYFSDDGTFVCEGES
;
_entity_poly.pdbx_strand_id   A
#
# COMPACT_ATOMS: atom_id res chain seq x y z
N MET A 1 -13.36 4.19 -3.55
CA MET A 1 -12.08 4.82 -3.97
C MET A 1 -11.73 6.01 -3.07
N LYS A 2 -12.31 6.01 -1.89
CA LYS A 2 -12.08 7.10 -0.90
C LYS A 2 -10.63 7.09 -0.41
N ALA A 3 -9.84 7.91 -1.05
CA ALA A 3 -8.41 8.05 -0.72
C ALA A 3 -8.15 8.59 0.69
N CYS A 4 -7.76 7.71 1.59
CA CYS A 4 -7.49 8.13 2.99
C CYS A 4 -6.20 8.98 3.03
N THR A 5 -5.82 9.36 4.23
CA THR A 5 -4.61 10.18 4.43
C THR A 5 -3.41 9.41 3.86
N LEU A 6 -2.76 10.09 2.96
CA LEU A 6 -1.55 9.54 2.26
C LEU A 6 -0.45 9.09 3.24
N ASN A 7 -0.59 9.49 4.48
CA ASN A 7 0.37 9.14 5.54
C ASN A 7 0.56 7.62 5.71
N CYS A 8 1.54 7.31 6.50
CA CYS A 8 1.90 5.90 6.79
C CYS A 8 0.87 5.24 7.71
N ASP A 9 0.37 4.11 7.29
CA ASP A 9 -0.63 3.37 8.11
C ASP A 9 0.12 2.24 8.84
N PRO A 10 0.03 2.18 10.15
CA PRO A 10 0.93 1.33 10.99
C PRO A 10 0.88 -0.14 10.58
N ARG A 11 -0.22 -0.51 9.99
CA ARG A 11 -0.44 -1.91 9.52
C ARG A 11 0.25 -2.08 8.15
N ILE A 12 0.15 -1.03 7.37
CA ILE A 12 0.74 -1.03 6.00
C ILE A 12 2.26 -0.87 6.04
N ALA A 13 2.88 -1.72 5.26
CA ALA A 13 4.37 -1.74 5.14
C ALA A 13 4.75 -1.24 3.75
N TYR A 14 4.38 -2.03 2.78
CA TYR A 14 4.66 -1.71 1.35
C TYR A 14 3.46 -2.13 0.52
N GLY A 15 3.54 -1.86 -0.75
CA GLY A 15 2.43 -2.21 -1.67
C GLY A 15 2.94 -2.30 -3.09
N VAL A 16 2.24 -3.08 -3.85
CA VAL A 16 2.59 -3.30 -5.29
C VAL A 16 1.37 -2.80 -6.08
N CYS A 17 1.58 -2.59 -7.34
CA CYS A 17 0.48 -2.11 -8.24
C CYS A 17 0.88 -2.54 -9.67
N PRO A 18 -0.01 -2.39 -10.63
CA PRO A 18 0.38 -2.40 -12.07
C PRO A 18 1.65 -1.57 -12.30
N ARG A 19 2.71 -2.28 -12.64
CA ARG A 19 4.05 -1.65 -12.89
C ARG A 19 4.59 -0.96 -11.63
N SER A 20 5.00 -1.79 -10.71
CA SER A 20 5.56 -1.34 -9.40
C SER A 20 6.38 -2.51 -8.83
N GLU A 21 7.68 -2.40 -9.01
CA GLU A 21 8.64 -3.43 -8.52
C GLU A 21 8.83 -3.36 -6.99
N GLU A 22 10.05 -3.19 -6.53
CA GLU A 22 10.43 -3.10 -5.08
C GLU A 22 10.27 -4.48 -4.40
N LYS A 23 11.17 -4.76 -3.49
CA LYS A 23 11.17 -6.04 -2.73
C LYS A 23 9.90 -6.14 -1.88
N LYS A 24 9.54 -7.35 -1.51
CA LYS A 24 8.32 -7.54 -0.67
C LYS A 24 8.71 -7.62 0.81
N ASN A 25 9.35 -6.58 1.25
CA ASN A 25 9.82 -6.46 2.66
C ASN A 25 10.50 -5.09 2.81
N ASP A 26 9.67 -4.11 2.99
CA ASP A 26 10.15 -2.70 3.16
C ASP A 26 8.96 -1.94 3.76
N ARG A 27 9.05 -1.57 5.01
CA ARG A 27 7.91 -0.84 5.63
C ARG A 27 8.05 0.68 5.37
N ILE A 28 7.75 1.04 4.14
CA ILE A 28 7.81 2.44 3.70
C ILE A 28 6.56 3.16 4.24
N CYS A 29 6.45 4.42 3.94
CA CYS A 29 5.27 5.21 4.42
C CYS A 29 4.19 5.27 3.33
N THR A 30 3.15 4.51 3.54
CA THR A 30 2.01 4.46 2.58
C THR A 30 0.77 3.84 3.28
N ASN A 31 -0.32 3.81 2.56
CA ASN A 31 -1.60 3.25 3.11
C ASN A 31 -2.44 2.60 2.00
N CYS A 32 -3.28 1.67 2.40
CA CYS A 32 -4.17 0.95 1.43
C CYS A 32 -5.42 1.79 1.10
N CYS A 33 -6.14 2.19 2.12
CA CYS A 33 -7.37 3.02 1.89
C CYS A 33 -7.05 4.27 1.06
N ALA A 34 -5.80 4.65 1.08
CA ALA A 34 -5.33 5.85 0.32
C ALA A 34 -4.98 5.21 -1.03
N GLY A 35 -3.96 4.38 -0.97
CA GLY A 35 -3.40 3.61 -2.12
C GLY A 35 -3.63 4.18 -3.52
N THR A 36 -3.84 3.25 -4.43
CA THR A 36 -4.08 3.60 -5.87
C THR A 36 -4.91 2.44 -6.46
N LYS A 37 -5.26 2.58 -7.71
CA LYS A 37 -6.07 1.52 -8.41
C LYS A 37 -5.28 0.21 -8.62
N GLY A 38 -6.00 -0.87 -8.41
CA GLY A 38 -5.44 -2.25 -8.57
C GLY A 38 -4.22 -2.62 -7.70
N CYS A 39 -3.89 -1.79 -6.74
CA CYS A 39 -2.71 -2.09 -5.87
C CYS A 39 -3.00 -3.16 -4.81
N LYS A 40 -1.95 -3.52 -4.11
CA LYS A 40 -2.03 -4.56 -3.03
C LYS A 40 -1.03 -4.17 -1.92
N TYR A 41 -1.56 -3.69 -0.83
CA TYR A 41 -0.75 -3.27 0.33
C TYR A 41 -0.74 -4.32 1.45
N PHE A 42 0.48 -4.66 1.79
CA PHE A 42 0.78 -5.66 2.84
C PHE A 42 1.70 -5.09 3.92
N SER A 43 1.65 -5.76 5.03
CA SER A 43 2.45 -5.42 6.23
C SER A 43 3.84 -6.04 6.00
N ASP A 44 4.71 -5.77 6.95
CA ASP A 44 6.11 -6.30 6.87
C ASP A 44 6.30 -7.54 7.74
N ASP A 45 5.35 -7.78 8.61
CA ASP A 45 5.40 -8.97 9.51
C ASP A 45 4.86 -10.22 8.81
N GLY A 46 4.65 -10.10 7.51
CA GLY A 46 4.12 -11.22 6.70
C GLY A 46 2.61 -11.38 6.91
N THR A 47 1.91 -10.31 6.65
CA THR A 47 0.44 -10.27 6.80
C THR A 47 -0.13 -9.19 5.86
N PHE A 48 -0.85 -9.64 4.86
CA PHE A 48 -1.46 -8.69 3.88
C PHE A 48 -2.49 -7.78 4.56
N VAL A 49 -2.58 -6.56 4.09
CA VAL A 49 -3.57 -5.62 4.71
C VAL A 49 -4.73 -5.56 3.71
N CYS A 50 -4.59 -4.83 2.62
CA CYS A 50 -5.72 -4.78 1.64
C CYS A 50 -5.25 -4.17 0.34
N GLU A 51 -6.14 -4.15 -0.63
CA GLU A 51 -5.79 -3.59 -1.97
C GLU A 51 -6.16 -2.12 -2.07
N GLY A 52 -5.24 -1.39 -2.66
CA GLY A 52 -5.42 0.07 -2.87
C GLY A 52 -6.66 0.37 -3.72
N GLU A 53 -6.97 1.63 -3.81
CA GLU A 53 -8.16 2.06 -4.60
C GLU A 53 -8.14 3.57 -4.87
N SER A 54 -6.96 4.15 -4.93
CA SER A 54 -6.83 5.62 -5.18
C SER A 54 -7.89 6.46 -4.42
N MET A 1 -12.99 6.66 -1.86
CA MET A 1 -11.91 6.10 -2.73
C MET A 1 -10.87 7.19 -3.07
N LYS A 2 -10.97 8.28 -2.36
CA LYS A 2 -10.04 9.43 -2.57
C LYS A 2 -8.70 9.19 -1.87
N ALA A 3 -7.64 9.60 -2.53
CA ALA A 3 -6.26 9.44 -1.99
C ALA A 3 -6.07 10.15 -0.64
N CYS A 4 -6.21 9.38 0.40
CA CYS A 4 -6.06 9.89 1.81
C CYS A 4 -4.64 10.41 2.14
N THR A 5 -4.45 10.60 3.42
CA THR A 5 -3.18 11.10 4.05
C THR A 5 -1.87 10.59 3.48
N LEU A 6 -1.97 9.46 2.81
CA LEU A 6 -0.80 8.77 2.18
C LEU A 6 0.30 8.56 3.23
N ASN A 7 0.01 8.87 4.48
CA ASN A 7 1.01 8.68 5.55
C ASN A 7 1.13 7.19 5.84
N CYS A 8 2.16 6.83 6.55
CA CYS A 8 2.39 5.39 6.90
C CYS A 8 1.36 4.87 7.89
N ASP A 9 0.73 3.78 7.55
CA ASP A 9 -0.31 3.17 8.44
C ASP A 9 0.41 2.02 9.17
N PRO A 10 0.27 1.93 10.48
CA PRO A 10 1.07 0.96 11.31
C PRO A 10 0.91 -0.48 10.80
N ARG A 11 -0.24 -0.73 10.25
CA ARG A 11 -0.57 -2.08 9.70
C ARG A 11 0.09 -2.25 8.32
N ILE A 12 0.17 -1.16 7.60
CA ILE A 12 0.77 -1.16 6.23
C ILE A 12 2.28 -0.97 6.27
N ALA A 13 2.91 -1.63 5.34
CA ALA A 13 4.40 -1.57 5.19
C ALA A 13 4.68 -1.00 3.80
N TYR A 14 4.14 -1.66 2.81
CA TYR A 14 4.33 -1.23 1.40
C TYR A 14 3.25 -1.89 0.55
N GLY A 15 3.35 -1.72 -0.76
CA GLY A 15 2.33 -2.35 -1.64
C GLY A 15 2.74 -2.52 -3.10
N VAL A 16 2.04 -3.42 -3.74
CA VAL A 16 2.29 -3.72 -5.19
C VAL A 16 1.05 -3.39 -6.02
N CYS A 17 1.19 -2.39 -6.88
CA CYS A 17 0.06 -1.95 -7.76
C CYS A 17 0.32 -2.33 -9.23
N PRO A 18 -0.71 -2.41 -10.03
CA PRO A 18 -0.59 -2.63 -11.51
C PRO A 18 0.37 -1.62 -12.17
N ARG A 19 1.09 -2.09 -13.16
CA ARG A 19 2.08 -1.25 -13.91
C ARG A 19 3.11 -0.60 -12.97
N SER A 20 3.32 -1.30 -11.88
CA SER A 20 4.27 -0.87 -10.81
C SER A 20 4.35 -2.05 -9.83
N GLU A 21 4.87 -3.12 -10.37
CA GLU A 21 5.02 -4.38 -9.60
C GLU A 21 6.16 -4.30 -8.58
N GLU A 22 7.36 -4.63 -8.99
CA GLU A 22 8.56 -4.59 -8.07
C GLU A 22 8.47 -5.65 -6.95
N LYS A 23 9.58 -6.30 -6.72
CA LYS A 23 9.68 -7.36 -5.67
C LYS A 23 9.41 -6.81 -4.26
N LYS A 24 9.72 -5.54 -4.09
CA LYS A 24 9.55 -4.81 -2.80
C LYS A 24 10.55 -5.27 -1.76
N ASN A 25 11.39 -4.33 -1.39
CA ASN A 25 12.45 -4.58 -0.39
C ASN A 25 12.63 -3.26 0.38
N ASP A 26 11.50 -2.70 0.77
CA ASP A 26 11.48 -1.42 1.51
C ASP A 26 10.03 -1.20 1.98
N ARG A 27 9.94 -0.88 3.24
CA ARG A 27 8.64 -0.62 3.90
C ARG A 27 8.38 0.88 3.70
N ILE A 28 7.65 1.13 2.64
CA ILE A 28 7.25 2.48 2.20
C ILE A 28 6.34 3.10 3.30
N CYS A 29 5.86 4.29 3.05
CA CYS A 29 4.97 5.00 4.00
C CYS A 29 3.63 5.32 3.31
N THR A 30 2.64 4.51 3.61
CA THR A 30 1.28 4.71 3.00
C THR A 30 0.19 3.97 3.81
N ASN A 31 -1.03 4.29 3.47
CA ASN A 31 -2.24 3.70 4.12
C ASN A 31 -3.19 3.10 3.06
N CYS A 32 -4.19 2.39 3.55
CA CYS A 32 -5.20 1.75 2.65
C CYS A 32 -5.97 2.75 1.77
N CYS A 33 -6.69 3.65 2.40
CA CYS A 33 -7.49 4.67 1.65
C CYS A 33 -6.68 5.52 0.66
N ALA A 34 -5.41 5.66 0.93
CA ALA A 34 -4.54 6.47 0.02
C ALA A 34 -4.21 5.72 -1.28
N GLY A 35 -4.02 4.43 -1.14
CA GLY A 35 -3.69 3.56 -2.32
C GLY A 35 -4.79 3.51 -3.39
N THR A 36 -4.52 2.72 -4.40
CA THR A 36 -5.48 2.54 -5.54
C THR A 36 -6.03 1.10 -5.55
N LYS A 37 -6.94 0.86 -6.45
CA LYS A 37 -7.58 -0.48 -6.59
C LYS A 37 -6.65 -1.35 -7.45
N GLY A 38 -6.61 -2.62 -7.12
CA GLY A 38 -5.76 -3.59 -7.86
C GLY A 38 -4.45 -3.76 -7.08
N CYS A 39 -4.14 -2.77 -6.29
CA CYS A 39 -2.90 -2.80 -5.47
C CYS A 39 -2.93 -3.88 -4.40
N LYS A 40 -1.81 -4.05 -3.75
CA LYS A 40 -1.69 -5.08 -2.67
C LYS A 40 -0.80 -4.47 -1.60
N TYR A 41 -1.43 -3.71 -0.72
CA TYR A 41 -0.73 -3.03 0.40
C TYR A 41 -0.61 -4.01 1.56
N PHE A 42 0.58 -4.52 1.76
CA PHE A 42 0.84 -5.49 2.85
C PHE A 42 1.76 -4.97 3.94
N SER A 43 1.70 -5.71 5.02
CA SER A 43 2.49 -5.45 6.24
C SER A 43 3.97 -5.74 5.96
N ASP A 44 4.75 -5.51 6.99
CA ASP A 44 6.23 -5.73 6.91
C ASP A 44 6.52 -7.23 6.90
N ASP A 45 5.67 -7.95 7.60
CA ASP A 45 5.80 -9.44 7.69
C ASP A 45 5.51 -10.09 6.33
N GLY A 46 4.96 -9.32 5.42
CA GLY A 46 4.64 -9.82 4.08
C GLY A 46 3.31 -10.55 4.23
N THR A 47 2.29 -9.76 4.43
CA THR A 47 0.92 -10.26 4.61
C THR A 47 -0.04 -9.15 4.16
N PHE A 48 -0.75 -9.44 3.10
CA PHE A 48 -1.74 -8.50 2.50
C PHE A 48 -2.71 -7.89 3.53
N VAL A 49 -2.65 -6.58 3.62
CA VAL A 49 -3.55 -5.84 4.56
C VAL A 49 -4.69 -5.16 3.80
N CYS A 50 -4.37 -4.59 2.65
CA CYS A 50 -5.39 -3.89 1.82
C CYS A 50 -4.96 -3.87 0.35
N GLU A 51 -5.81 -3.33 -0.47
CA GLU A 51 -5.55 -3.23 -1.93
C GLU A 51 -5.84 -1.75 -2.23
N GLY A 52 -5.08 -0.90 -1.56
CA GLY A 52 -5.24 0.57 -1.73
C GLY A 52 -6.72 0.96 -1.57
N GLU A 53 -7.21 1.78 -2.47
CA GLU A 53 -8.65 2.21 -2.37
C GLU A 53 -9.11 2.99 -3.63
N SER A 54 -8.52 2.70 -4.76
CA SER A 54 -8.88 3.41 -6.03
C SER A 54 -8.74 4.94 -5.86
N MET A 1 -12.00 8.59 -5.30
CA MET A 1 -11.24 9.69 -5.95
C MET A 1 -9.75 9.33 -6.09
N LYS A 2 -8.99 10.26 -6.63
CA LYS A 2 -7.53 10.06 -6.83
C LYS A 2 -6.79 10.19 -5.49
N ALA A 3 -6.52 9.04 -4.92
CA ALA A 3 -5.80 8.90 -3.61
C ALA A 3 -6.39 9.69 -2.42
N CYS A 4 -6.77 8.94 -1.42
CA CYS A 4 -7.36 9.51 -0.17
C CYS A 4 -6.43 10.50 0.57
N THR A 5 -6.92 10.92 1.71
CA THR A 5 -6.22 11.87 2.62
C THR A 5 -4.76 11.54 2.83
N LEU A 6 -4.08 12.60 3.17
CA LEU A 6 -2.62 12.58 3.45
C LEU A 6 -2.20 11.68 4.64
N ASN A 7 -3.17 11.03 5.24
CA ASN A 7 -2.92 10.14 6.39
C ASN A 7 -1.98 8.97 6.02
N CYS A 8 -1.76 8.09 6.96
CA CYS A 8 -0.87 6.91 6.71
C CYS A 8 -1.55 5.73 7.44
N ASP A 9 -1.13 4.54 7.12
CA ASP A 9 -1.70 3.32 7.77
C ASP A 9 -0.60 2.43 8.38
N PRO A 10 -0.40 2.52 9.67
CA PRO A 10 0.68 1.75 10.39
C PRO A 10 0.55 0.24 10.20
N ARG A 11 -0.63 -0.21 9.82
CA ARG A 11 -0.86 -1.66 9.62
C ARG A 11 -0.18 -2.05 8.29
N ILE A 12 -0.23 -1.12 7.37
CA ILE A 12 0.38 -1.33 6.02
C ILE A 12 1.88 -1.02 6.08
N ALA A 13 2.60 -1.79 5.31
CA ALA A 13 4.08 -1.65 5.21
C ALA A 13 4.37 -0.99 3.87
N TYR A 14 4.01 -1.72 2.85
CA TYR A 14 4.21 -1.27 1.45
C TYR A 14 3.21 -1.99 0.55
N GLY A 15 3.32 -1.74 -0.73
CA GLY A 15 2.39 -2.41 -1.68
C GLY A 15 2.98 -2.49 -3.07
N VAL A 16 2.51 -3.47 -3.80
CA VAL A 16 2.97 -3.70 -5.20
C VAL A 16 1.71 -3.79 -6.05
N CYS A 17 1.71 -3.09 -7.15
CA CYS A 17 0.53 -3.10 -8.06
C CYS A 17 0.81 -4.00 -9.28
N PRO A 18 -0.19 -4.72 -9.75
CA PRO A 18 -0.02 -5.73 -10.84
C PRO A 18 0.56 -5.12 -12.13
N ARG A 19 1.53 -5.80 -12.66
CA ARG A 19 2.25 -5.38 -13.91
C ARG A 19 2.75 -3.93 -13.84
N SER A 20 3.10 -3.52 -12.65
CA SER A 20 3.62 -2.14 -12.43
C SER A 20 4.84 -2.22 -11.50
N GLU A 21 5.76 -3.04 -11.95
CA GLU A 21 7.05 -3.33 -11.26
C GLU A 21 6.93 -3.31 -9.72
N GLU A 22 7.46 -2.28 -9.10
CA GLU A 22 7.45 -2.11 -7.61
C GLU A 22 8.01 -3.29 -6.81
N LYS A 23 9.09 -3.03 -6.13
CA LYS A 23 9.75 -4.05 -5.29
C LYS A 23 9.33 -3.83 -3.83
N LYS A 24 8.96 -4.91 -3.19
CA LYS A 24 8.52 -4.84 -1.76
C LYS A 24 9.78 -4.87 -0.88
N ASN A 25 10.35 -3.70 -0.68
CA ASN A 25 11.60 -3.58 0.15
C ASN A 25 11.73 -2.16 0.73
N ASP A 26 10.64 -1.44 0.71
CA ASP A 26 10.61 -0.04 1.23
C ASP A 26 9.23 0.16 1.87
N ARG A 27 9.22 0.15 3.19
CA ARG A 27 7.97 0.34 3.96
C ARG A 27 7.55 1.81 4.01
N ILE A 28 6.83 2.16 2.97
CA ILE A 28 6.29 3.54 2.81
C ILE A 28 5.21 3.79 3.88
N CYS A 29 4.73 5.00 3.89
CA CYS A 29 3.67 5.48 4.84
C CYS A 29 2.52 5.92 3.92
N THR A 30 1.44 5.17 3.96
CA THR A 30 0.25 5.49 3.10
C THR A 30 -1.02 4.80 3.64
N ASN A 31 -2.14 5.16 3.06
CA ASN A 31 -3.46 4.58 3.48
C ASN A 31 -3.94 3.46 2.53
N CYS A 32 -4.95 2.78 2.98
CA CYS A 32 -5.55 1.67 2.18
C CYS A 32 -6.12 2.27 0.90
N CYS A 33 -6.91 3.29 1.09
CA CYS A 33 -7.56 4.01 -0.05
C CYS A 33 -6.59 4.90 -0.83
N ALA A 34 -5.56 5.38 -0.16
CA ALA A 34 -4.55 6.26 -0.85
C ALA A 34 -3.96 5.51 -2.05
N GLY A 35 -3.78 4.22 -1.83
CA GLY A 35 -3.22 3.31 -2.86
C GLY A 35 -4.04 3.36 -4.17
N THR A 36 -3.44 2.94 -5.26
CA THR A 36 -4.17 2.97 -6.56
C THR A 36 -5.00 1.70 -6.75
N LYS A 37 -5.78 1.70 -7.81
CA LYS A 37 -6.66 0.54 -8.15
C LYS A 37 -5.87 -0.73 -8.48
N GLY A 38 -6.39 -1.84 -8.02
CA GLY A 38 -5.77 -3.18 -8.23
C GLY A 38 -4.51 -3.43 -7.40
N CYS A 39 -3.95 -2.38 -6.84
CA CYS A 39 -2.73 -2.53 -6.00
C CYS A 39 -3.01 -3.28 -4.70
N LYS A 40 -1.99 -3.88 -4.18
CA LYS A 40 -2.11 -4.67 -2.90
C LYS A 40 -1.03 -4.22 -1.92
N TYR A 41 -1.49 -3.72 -0.80
CA TYR A 41 -0.61 -3.23 0.28
C TYR A 41 -0.54 -4.26 1.41
N PHE A 42 0.64 -4.74 1.65
CA PHE A 42 0.90 -5.74 2.72
C PHE A 42 1.80 -5.19 3.79
N SER A 43 1.85 -5.96 4.85
CA SER A 43 2.69 -5.64 6.04
C SER A 43 4.14 -5.99 5.73
N ASP A 44 4.92 -5.73 6.73
CA ASP A 44 6.39 -5.98 6.67
C ASP A 44 6.64 -7.49 6.83
N ASP A 45 5.67 -8.15 7.38
CA ASP A 45 5.74 -9.62 7.61
C ASP A 45 5.47 -10.39 6.30
N GLY A 46 5.11 -9.66 5.28
CA GLY A 46 4.81 -10.26 3.96
C GLY A 46 3.46 -10.96 4.05
N THR A 47 2.46 -10.15 4.33
CA THR A 47 1.07 -10.63 4.45
C THR A 47 0.13 -9.46 4.12
N PHE A 48 -0.69 -9.68 3.13
CA PHE A 48 -1.68 -8.67 2.64
C PHE A 48 -2.48 -8.00 3.77
N VAL A 49 -2.39 -6.70 3.81
CA VAL A 49 -3.10 -5.88 4.84
C VAL A 49 -4.34 -5.17 4.25
N CYS A 50 -4.18 -4.56 3.10
CA CYS A 50 -5.32 -3.84 2.45
C CYS A 50 -4.99 -3.67 0.98
N GLU A 51 -5.97 -3.34 0.19
CA GLU A 51 -5.75 -3.14 -1.27
C GLU A 51 -6.09 -1.73 -1.73
N GLY A 52 -5.19 -1.20 -2.52
CA GLY A 52 -5.34 0.18 -3.07
C GLY A 52 -6.67 0.32 -3.85
N GLU A 53 -7.05 1.54 -4.10
CA GLU A 53 -8.33 1.82 -4.83
C GLU A 53 -8.35 3.30 -5.26
N SER A 54 -7.33 3.64 -6.00
CA SER A 54 -7.12 5.02 -6.56
C SER A 54 -6.68 5.97 -5.43
N MET A 1 -6.68 14.31 -6.54
CA MET A 1 -5.64 13.23 -6.53
C MET A 1 -6.28 11.93 -6.05
N LYS A 2 -6.03 10.87 -6.77
CA LYS A 2 -6.59 9.53 -6.40
C LYS A 2 -5.71 8.90 -5.31
N ALA A 3 -5.90 9.40 -4.11
CA ALA A 3 -5.15 8.95 -2.91
C ALA A 3 -5.49 9.85 -1.72
N CYS A 4 -5.56 9.22 -0.57
CA CYS A 4 -5.87 9.91 0.72
C CYS A 4 -4.72 10.85 1.15
N THR A 5 -4.75 11.23 2.40
CA THR A 5 -3.74 12.13 3.01
C THR A 5 -2.30 11.53 2.97
N LEU A 6 -2.17 10.36 2.39
CA LEU A 6 -0.85 9.65 2.27
C LEU A 6 -0.28 9.21 3.62
N ASN A 7 -1.08 9.34 4.65
CA ASN A 7 -0.67 8.96 6.02
C ASN A 7 -0.20 7.50 6.09
N CYS A 8 0.55 7.24 7.12
CA CYS A 8 1.12 5.87 7.34
C CYS A 8 0.34 5.07 8.38
N ASP A 9 -0.03 3.87 8.00
CA ASP A 9 -0.80 2.96 8.90
C ASP A 9 0.23 1.99 9.53
N PRO A 10 0.25 1.89 10.85
CA PRO A 10 1.32 1.17 11.60
C PRO A 10 1.45 -0.30 11.17
N ARG A 11 0.39 -0.81 10.59
CA ARG A 11 0.35 -2.22 10.12
C ARG A 11 0.78 -2.27 8.65
N ILE A 12 0.54 -1.22 7.92
CA ILE A 12 0.93 -1.18 6.46
C ILE A 12 2.44 -1.00 6.34
N ALA A 13 3.01 -1.77 5.44
CA ALA A 13 4.47 -1.70 5.19
C ALA A 13 4.69 -1.06 3.82
N TYR A 14 4.14 -1.71 2.82
CA TYR A 14 4.28 -1.19 1.42
C TYR A 14 3.21 -1.83 0.55
N GLY A 15 3.28 -1.53 -0.73
CA GLY A 15 2.29 -2.10 -1.69
C GLY A 15 2.85 -2.15 -3.11
N VAL A 16 2.29 -3.07 -3.86
CA VAL A 16 2.71 -3.28 -5.28
C VAL A 16 1.47 -3.28 -6.19
N CYS A 17 1.61 -2.59 -7.29
CA CYS A 17 0.51 -2.48 -8.30
C CYS A 17 0.86 -3.26 -9.58
N PRO A 18 -0.15 -3.71 -10.30
CA PRO A 18 0.05 -4.43 -11.60
C PRO A 18 0.87 -3.58 -12.59
N ARG A 19 1.70 -4.26 -13.35
CA ARG A 19 2.58 -3.61 -14.37
C ARG A 19 3.42 -2.48 -13.70
N SER A 20 3.58 -2.66 -12.42
CA SER A 20 4.35 -1.72 -11.55
C SER A 20 4.84 -2.54 -10.36
N GLU A 21 5.59 -3.57 -10.70
CA GLU A 21 6.16 -4.49 -9.70
C GLU A 21 7.34 -3.84 -8.96
N GLU A 22 8.48 -3.80 -9.61
CA GLU A 22 9.73 -3.19 -9.04
C GLU A 22 10.17 -3.92 -7.74
N LYS A 23 11.40 -3.72 -7.38
CA LYS A 23 11.96 -4.38 -6.14
C LYS A 23 11.19 -3.96 -4.88
N LYS A 24 10.20 -4.76 -4.53
CA LYS A 24 9.36 -4.48 -3.33
C LYS A 24 10.17 -4.81 -2.07
N ASN A 25 11.00 -3.87 -1.71
CA ASN A 25 11.87 -4.02 -0.51
C ASN A 25 12.06 -2.61 0.10
N ASP A 26 10.96 -1.90 0.16
CA ASP A 26 10.94 -0.51 0.71
C ASP A 26 9.61 -0.31 1.42
N ARG A 27 9.67 -0.32 2.73
CA ARG A 27 8.45 -0.15 3.57
C ARG A 27 8.16 1.36 3.69
N ILE A 28 7.45 1.85 2.71
CA ILE A 28 7.07 3.28 2.67
C ILE A 28 6.16 3.60 3.87
N CYS A 29 5.91 4.86 4.04
CA CYS A 29 5.05 5.37 5.15
C CYS A 29 3.69 5.72 4.55
N THR A 30 2.93 4.68 4.27
CA THR A 30 1.57 4.85 3.67
C THR A 30 0.53 3.97 4.39
N ASN A 31 -0.71 4.19 4.04
CA ASN A 31 -1.84 3.42 4.64
C ASN A 31 -2.77 2.88 3.55
N CYS A 32 -3.58 1.91 3.91
CA CYS A 32 -4.54 1.30 2.93
C CYS A 32 -5.42 2.36 2.26
N CYS A 33 -5.71 3.41 2.99
CA CYS A 33 -6.56 4.51 2.46
C CYS A 33 -5.84 5.14 1.25
N ALA A 34 -4.63 5.59 1.50
CA ALA A 34 -3.80 6.22 0.42
C ALA A 34 -3.56 5.24 -0.73
N GLY A 35 -3.62 3.97 -0.41
CA GLY A 35 -3.41 2.90 -1.41
C GLY A 35 -4.31 3.10 -2.64
N THR A 36 -3.86 2.60 -3.76
CA THR A 36 -4.65 2.75 -5.03
C THR A 36 -5.44 1.46 -5.31
N LYS A 37 -6.24 1.53 -6.36
CA LYS A 37 -7.08 0.37 -6.77
C LYS A 37 -6.22 -0.59 -7.61
N GLY A 38 -6.56 -1.86 -7.57
CA GLY A 38 -5.81 -2.90 -8.34
C GLY A 38 -4.51 -3.30 -7.62
N CYS A 39 -3.98 -2.38 -6.87
CA CYS A 39 -2.72 -2.60 -6.10
C CYS A 39 -2.96 -3.53 -4.91
N LYS A 40 -1.88 -3.85 -4.23
CA LYS A 40 -1.93 -4.75 -3.04
C LYS A 40 -0.97 -4.24 -1.96
N TYR A 41 -1.54 -3.72 -0.90
CA TYR A 41 -0.78 -3.18 0.25
C TYR A 41 -0.76 -4.21 1.40
N PHE A 42 0.45 -4.57 1.73
CA PHE A 42 0.75 -5.54 2.80
C PHE A 42 1.68 -4.99 3.89
N SER A 43 1.60 -5.68 4.99
CA SER A 43 2.38 -5.38 6.21
C SER A 43 3.82 -5.89 6.05
N ASP A 44 4.57 -5.67 7.11
CA ASP A 44 6.00 -6.09 7.15
C ASP A 44 6.15 -7.44 7.87
N ASP A 45 5.25 -7.69 8.78
CA ASP A 45 5.27 -8.97 9.56
C ASP A 45 4.75 -10.15 8.72
N GLY A 46 4.46 -9.88 7.47
CA GLY A 46 3.96 -10.93 6.54
C GLY A 46 2.47 -11.13 6.76
N THR A 47 1.73 -10.08 6.50
CA THR A 47 0.25 -10.07 6.64
C THR A 47 -0.34 -9.01 5.70
N PHE A 48 -0.99 -9.49 4.67
CA PHE A 48 -1.62 -8.57 3.68
C PHE A 48 -2.72 -7.74 4.33
N VAL A 49 -2.78 -6.47 3.97
CA VAL A 49 -3.84 -5.59 4.56
C VAL A 49 -5.00 -5.30 3.59
N CYS A 50 -4.73 -4.68 2.46
CA CYS A 50 -5.88 -4.40 1.52
C CYS A 50 -5.36 -4.07 0.14
N GLU A 51 -6.24 -4.06 -0.84
CA GLU A 51 -5.81 -3.75 -2.24
C GLU A 51 -6.03 -2.24 -2.46
N GLY A 52 -5.44 -1.48 -1.57
CA GLY A 52 -5.53 0.02 -1.61
C GLY A 52 -6.99 0.48 -1.84
N GLU A 53 -7.15 1.54 -2.60
CA GLU A 53 -8.49 2.13 -2.92
C GLU A 53 -8.36 3.51 -3.60
N SER A 54 -7.73 3.51 -4.76
CA SER A 54 -7.51 4.75 -5.57
C SER A 54 -7.13 5.99 -4.71
N MET A 1 -8.54 13.53 5.21
CA MET A 1 -8.54 14.35 3.95
C MET A 1 -8.92 13.47 2.75
N LYS A 2 -9.06 14.10 1.61
CA LYS A 2 -9.42 13.38 0.35
C LYS A 2 -8.18 12.59 -0.10
N ALA A 3 -8.11 11.37 0.38
CA ALA A 3 -6.98 10.42 0.07
C ALA A 3 -5.66 10.95 0.64
N CYS A 4 -4.97 10.09 1.35
CA CYS A 4 -3.67 10.49 1.97
C CYS A 4 -2.59 10.83 0.93
N THR A 5 -1.54 11.42 1.43
CA THR A 5 -0.39 11.85 0.62
C THR A 5 0.67 10.73 0.50
N LEU A 6 0.23 9.55 0.14
CA LEU A 6 1.15 8.38 -0.02
C LEU A 6 2.03 8.14 1.22
N ASN A 7 1.64 8.72 2.32
CA ASN A 7 2.37 8.59 3.60
C ASN A 7 2.45 7.13 4.01
N CYS A 8 3.45 6.80 4.76
CA CYS A 8 3.62 5.39 5.22
C CYS A 8 2.67 5.12 6.40
N ASP A 9 1.89 4.08 6.26
CA ASP A 9 0.92 3.72 7.34
C ASP A 9 1.66 2.73 8.26
N PRO A 10 1.93 3.10 9.51
CA PRO A 10 2.84 2.32 10.41
C PRO A 10 2.50 0.83 10.50
N ARG A 11 1.23 0.56 10.38
CA ARG A 11 0.71 -0.85 10.44
C ARG A 11 1.03 -1.59 9.13
N ILE A 12 0.96 -0.86 8.05
CA ILE A 12 1.25 -1.45 6.70
C ILE A 12 2.75 -1.31 6.41
N ALA A 13 3.28 -2.20 5.62
CA ALA A 13 4.73 -2.16 5.27
C ALA A 13 4.88 -1.41 3.95
N TYR A 14 4.22 -1.93 2.94
CA TYR A 14 4.29 -1.31 1.59
C TYR A 14 3.17 -1.87 0.71
N GLY A 15 3.24 -1.57 -0.57
CA GLY A 15 2.20 -2.08 -1.52
C GLY A 15 2.66 -2.01 -2.97
N VAL A 16 2.07 -2.86 -3.76
CA VAL A 16 2.39 -2.94 -5.23
C VAL A 16 1.20 -2.40 -6.01
N CYS A 17 1.38 -2.16 -7.27
CA CYS A 17 0.28 -1.63 -8.14
C CYS A 17 0.51 -2.04 -9.60
N PRO A 18 -0.41 -1.73 -10.48
CA PRO A 18 -0.12 -1.66 -11.96
C PRO A 18 1.27 -1.10 -12.30
N ARG A 19 1.67 -1.31 -13.54
CA ARG A 19 3.00 -0.84 -14.06
C ARG A 19 4.15 -1.59 -13.33
N SER A 20 3.80 -2.78 -12.92
CA SER A 20 4.69 -3.73 -12.20
C SER A 20 3.78 -4.93 -11.93
N GLU A 21 4.12 -6.02 -12.55
CA GLU A 21 3.36 -7.28 -12.42
C GLU A 21 3.59 -7.95 -11.07
N GLU A 22 2.78 -7.50 -10.13
CA GLU A 22 2.77 -7.96 -8.71
C GLU A 22 4.17 -8.29 -8.16
N LYS A 23 5.08 -7.41 -8.46
CA LYS A 23 6.48 -7.56 -8.01
C LYS A 23 6.52 -6.70 -6.73
N LYS A 24 7.39 -5.73 -6.65
CA LYS A 24 7.48 -4.84 -5.43
C LYS A 24 8.61 -3.84 -5.71
N ASN A 25 8.37 -2.62 -5.32
CA ASN A 25 9.38 -1.54 -5.51
C ASN A 25 10.37 -1.52 -4.33
N ASP A 26 10.75 -2.71 -3.91
CA ASP A 26 11.70 -2.90 -2.77
C ASP A 26 11.21 -2.12 -1.53
N ARG A 27 10.13 -2.64 -0.98
CA ARG A 27 9.45 -2.07 0.22
C ARG A 27 9.37 -0.52 0.24
N ILE A 28 8.20 -0.07 -0.12
CA ILE A 28 7.88 1.37 -0.18
C ILE A 28 7.48 1.79 1.26
N CYS A 29 7.12 3.03 1.38
CA CYS A 29 6.69 3.65 2.67
C CYS A 29 5.39 4.37 2.27
N THR A 30 4.34 3.59 2.15
CA THR A 30 3.01 4.14 1.76
C THR A 30 1.82 3.64 2.61
N ASN A 31 0.66 4.14 2.28
CA ASN A 31 -0.61 3.80 2.97
C ASN A 31 -1.68 3.42 1.93
N CYS A 32 -2.57 2.54 2.31
CA CYS A 32 -3.65 2.11 1.35
C CYS A 32 -4.56 3.33 1.07
N CYS A 33 -4.67 4.16 2.08
CA CYS A 33 -5.51 5.41 2.03
C CYS A 33 -5.22 6.29 0.81
N ALA A 34 -3.99 6.25 0.36
CA ALA A 34 -3.57 7.05 -0.82
C ALA A 34 -3.62 6.15 -2.07
N GLY A 35 -3.20 4.93 -1.84
CA GLY A 35 -3.14 3.85 -2.89
C GLY A 35 -4.17 3.90 -4.02
N THR A 36 -3.73 3.48 -5.17
CA THR A 36 -4.59 3.45 -6.39
C THR A 36 -5.34 2.11 -6.39
N LYS A 37 -6.20 1.96 -7.35
CA LYS A 37 -7.00 0.71 -7.48
C LYS A 37 -6.11 -0.35 -8.13
N GLY A 38 -6.41 -1.60 -7.84
CA GLY A 38 -5.62 -2.73 -8.41
C GLY A 38 -4.38 -3.03 -7.55
N CYS A 39 -3.97 -2.08 -6.75
CA CYS A 39 -2.78 -2.27 -5.88
C CYS A 39 -2.96 -3.40 -4.86
N LYS A 40 -1.90 -3.67 -4.14
CA LYS A 40 -1.87 -4.74 -3.09
C LYS A 40 -0.98 -4.28 -1.93
N TYR A 41 -1.61 -3.73 -0.94
CA TYR A 41 -0.91 -3.23 0.28
C TYR A 41 -0.81 -4.32 1.37
N PHE A 42 0.40 -4.62 1.77
CA PHE A 42 0.67 -5.64 2.82
C PHE A 42 1.54 -5.07 3.96
N SER A 43 1.29 -5.62 5.13
CA SER A 43 2.01 -5.26 6.38
C SER A 43 3.43 -5.80 6.38
N ASP A 44 4.05 -5.58 7.51
CA ASP A 44 5.47 -6.00 7.74
C ASP A 44 5.58 -7.36 8.43
N ASP A 45 4.54 -7.75 9.13
CA ASP A 45 4.55 -9.07 9.84
C ASP A 45 4.32 -10.24 8.86
N GLY A 46 4.33 -9.93 7.59
CA GLY A 46 4.12 -10.96 6.54
C GLY A 46 2.64 -11.33 6.47
N THR A 47 1.84 -10.33 6.20
CA THR A 47 0.38 -10.50 6.08
C THR A 47 -0.20 -9.40 5.17
N PHE A 48 -1.11 -9.82 4.33
CA PHE A 48 -1.79 -8.91 3.36
C PHE A 48 -2.82 -8.00 4.05
N VAL A 49 -2.82 -6.75 3.66
CA VAL A 49 -3.79 -5.75 4.25
C VAL A 49 -4.92 -5.41 3.27
N CYS A 50 -4.64 -4.60 2.27
CA CYS A 50 -5.70 -4.22 1.29
C CYS A 50 -5.23 -4.44 -0.16
N GLU A 51 -6.17 -4.37 -1.06
CA GLU A 51 -5.91 -4.55 -2.51
C GLU A 51 -6.60 -3.42 -3.26
N GLY A 52 -5.78 -2.46 -3.61
CA GLY A 52 -6.28 -1.28 -4.36
C GLY A 52 -7.09 -0.32 -3.48
N GLU A 53 -7.30 0.88 -3.96
CA GLU A 53 -8.07 1.89 -3.18
C GLU A 53 -8.53 3.08 -4.04
N SER A 54 -7.74 3.58 -4.98
CA SER A 54 -8.25 4.75 -5.79
C SER A 54 -8.30 4.39 -7.29
N MET A 1 -12.77 13.72 7.27
CA MET A 1 -11.96 14.81 6.68
C MET A 1 -11.72 14.52 5.19
N LYS A 2 -11.54 15.59 4.44
CA LYS A 2 -11.30 15.46 2.98
C LYS A 2 -10.04 14.63 2.70
N ALA A 3 -10.14 13.79 1.69
CA ALA A 3 -9.01 12.88 1.27
C ALA A 3 -8.58 11.91 2.38
N CYS A 4 -7.78 10.96 1.99
CA CYS A 4 -7.27 9.94 2.95
C CYS A 4 -6.22 10.50 3.90
N THR A 5 -5.69 9.63 4.74
CA THR A 5 -4.66 10.02 5.73
C THR A 5 -3.32 10.28 5.03
N LEU A 6 -3.02 9.43 4.08
CA LEU A 6 -1.76 9.51 3.26
C LEU A 6 -0.51 9.09 4.05
N ASN A 7 -0.52 9.35 5.34
CA ASN A 7 0.62 8.99 6.23
C ASN A 7 0.84 7.47 6.29
N CYS A 8 1.85 7.11 7.05
CA CYS A 8 2.18 5.67 7.21
C CYS A 8 1.18 5.00 8.15
N ASP A 9 0.59 3.95 7.66
CA ASP A 9 -0.41 3.18 8.44
C ASP A 9 0.31 2.01 9.13
N PRO A 10 0.19 1.90 10.44
CA PRO A 10 1.06 1.00 11.26
C PRO A 10 1.00 -0.45 10.76
N ARG A 11 -0.16 -0.81 10.31
CA ARG A 11 -0.42 -2.17 9.79
C ARG A 11 0.23 -2.33 8.41
N ILE A 12 0.25 -1.26 7.63
CA ILE A 12 0.85 -1.33 6.26
C ILE A 12 2.36 -1.09 6.28
N ALA A 13 3.00 -1.74 5.33
CA ALA A 13 4.47 -1.65 5.15
C ALA A 13 4.72 -1.05 3.77
N TYR A 14 4.22 -1.75 2.78
CA TYR A 14 4.39 -1.29 1.36
C TYR A 14 3.30 -1.90 0.50
N GLY A 15 3.41 -1.69 -0.79
CA GLY A 15 2.39 -2.26 -1.73
C GLY A 15 2.99 -2.54 -3.10
N VAL A 16 2.15 -3.07 -3.96
CA VAL A 16 2.59 -3.42 -5.36
C VAL A 16 1.42 -3.23 -6.33
N CYS A 17 1.74 -2.96 -7.57
CA CYS A 17 0.69 -2.77 -8.63
C CYS A 17 1.32 -3.23 -9.97
N PRO A 18 0.55 -3.34 -11.03
CA PRO A 18 1.04 -3.88 -12.33
C PRO A 18 2.27 -3.14 -12.87
N ARG A 19 2.88 -3.74 -13.87
CA ARG A 19 4.10 -3.16 -14.52
C ARG A 19 5.22 -2.92 -13.48
N SER A 20 5.23 -3.80 -12.50
CA SER A 20 6.23 -3.76 -11.38
C SER A 20 6.27 -2.37 -10.71
N GLU A 21 5.10 -1.97 -10.29
CA GLU A 21 4.91 -0.67 -9.62
C GLU A 21 5.25 -0.88 -8.14
N GLU A 22 6.29 -0.20 -7.72
CA GLU A 22 6.79 -0.27 -6.30
C GLU A 22 7.41 -1.65 -6.00
N LYS A 23 8.70 -1.64 -5.76
CA LYS A 23 9.43 -2.89 -5.45
C LYS A 23 9.04 -3.39 -4.04
N LYS A 24 9.20 -4.67 -3.84
CA LYS A 24 8.85 -5.29 -2.52
C LYS A 24 10.08 -5.41 -1.61
N ASN A 25 10.68 -4.27 -1.37
CA ASN A 25 11.89 -4.20 -0.50
C ASN A 25 12.08 -2.76 0.00
N ASP A 26 10.97 -2.11 0.23
CA ASP A 26 10.97 -0.70 0.73
C ASP A 26 9.63 -0.44 1.42
N ARG A 27 9.68 -0.31 2.72
CA ARG A 27 8.45 -0.06 3.52
C ARG A 27 8.14 1.45 3.48
N ILE A 28 7.47 1.83 2.42
CA ILE A 28 7.09 3.26 2.21
C ILE A 28 6.07 3.67 3.30
N CYS A 29 5.75 4.94 3.29
CA CYS A 29 4.80 5.53 4.26
C CYS A 29 3.46 5.79 3.55
N THR A 30 2.54 4.86 3.71
CA THR A 30 1.20 4.98 3.07
C THR A 30 0.11 4.27 3.89
N ASN A 31 -1.11 4.60 3.55
CA ASN A 31 -2.32 4.04 4.21
C ASN A 31 -3.15 3.24 3.19
N CYS A 32 -4.03 2.40 3.67
CA CYS A 32 -4.89 1.59 2.75
C CYS A 32 -5.73 2.51 1.87
N CYS A 33 -6.37 3.45 2.53
CA CYS A 33 -7.23 4.46 1.83
C CYS A 33 -6.39 5.22 0.80
N ALA A 34 -5.22 5.61 1.21
CA ALA A 34 -4.28 6.36 0.33
C ALA A 34 -3.95 5.56 -0.93
N GLY A 35 -3.57 4.32 -0.73
CA GLY A 35 -3.22 3.42 -1.86
C GLY A 35 -4.38 3.33 -2.83
N THR A 36 -4.07 3.19 -4.10
CA THR A 36 -5.17 3.11 -5.11
C THR A 36 -5.74 1.69 -5.18
N LYS A 37 -6.80 1.60 -5.93
CA LYS A 37 -7.50 0.30 -6.13
C LYS A 37 -6.70 -0.56 -7.11
N GLY A 38 -6.74 -1.84 -6.87
CA GLY A 38 -6.00 -2.81 -7.73
C GLY A 38 -4.65 -3.13 -7.13
N CYS A 39 -3.99 -2.14 -6.57
CA CYS A 39 -2.66 -2.38 -5.97
C CYS A 39 -2.85 -3.07 -4.60
N LYS A 40 -1.94 -3.95 -4.29
CA LYS A 40 -1.98 -4.71 -3.00
C LYS A 40 -0.96 -4.21 -1.98
N TYR A 41 -1.49 -3.73 -0.88
CA TYR A 41 -0.69 -3.20 0.25
C TYR A 41 -0.65 -4.21 1.40
N PHE A 42 0.55 -4.59 1.72
CA PHE A 42 0.85 -5.56 2.80
C PHE A 42 1.76 -5.01 3.89
N SER A 43 1.66 -5.70 5.00
CA SER A 43 2.42 -5.42 6.23
C SER A 43 3.90 -5.81 6.07
N ASP A 44 4.61 -5.61 7.16
CA ASP A 44 6.07 -5.93 7.21
C ASP A 44 6.28 -7.32 7.80
N ASP A 45 5.42 -7.68 8.72
CA ASP A 45 5.49 -9.02 9.38
C ASP A 45 5.05 -10.14 8.43
N GLY A 46 4.63 -9.75 7.26
CA GLY A 46 4.18 -10.69 6.22
C GLY A 46 2.70 -11.00 6.48
N THR A 47 1.90 -9.99 6.28
CA THR A 47 0.43 -10.09 6.48
C THR A 47 -0.23 -9.05 5.57
N PHE A 48 -0.89 -9.51 4.53
CA PHE A 48 -1.57 -8.57 3.59
C PHE A 48 -2.59 -7.71 4.34
N VAL A 49 -2.64 -6.44 4.00
CA VAL A 49 -3.60 -5.52 4.68
C VAL A 49 -4.81 -5.22 3.78
N CYS A 50 -4.60 -4.62 2.64
CA CYS A 50 -5.79 -4.32 1.76
C CYS A 50 -5.29 -4.00 0.36
N GLU A 51 -6.19 -4.05 -0.60
CA GLU A 51 -5.77 -3.74 -1.99
C GLU A 51 -6.05 -2.25 -2.27
N GLY A 52 -5.46 -1.45 -1.43
CA GLY A 52 -5.62 0.04 -1.54
C GLY A 52 -7.07 0.50 -1.56
N GLU A 53 -7.38 1.17 -2.65
CA GLU A 53 -8.70 1.76 -3.00
C GLU A 53 -8.67 3.23 -2.62
N SER A 54 -7.98 3.93 -3.49
CA SER A 54 -7.80 5.41 -3.34
C SER A 54 -9.05 6.13 -2.80
N MET A 1 -15.51 7.30 2.54
CA MET A 1 -14.34 7.48 3.45
C MET A 1 -13.07 7.82 2.64
N LYS A 2 -13.28 8.27 1.43
CA LYS A 2 -12.14 8.64 0.54
C LYS A 2 -11.65 10.07 0.85
N ALA A 3 -10.91 10.16 1.92
CA ALA A 3 -10.33 11.44 2.41
C ALA A 3 -9.45 11.12 3.62
N CYS A 4 -8.51 10.26 3.36
CA CYS A 4 -7.54 9.80 4.39
C CYS A 4 -6.41 10.81 4.56
N THR A 5 -5.68 10.65 5.64
CA THR A 5 -4.53 11.55 5.95
C THR A 5 -3.36 11.25 4.99
N LEU A 6 -3.48 10.15 4.29
CA LEU A 6 -2.46 9.67 3.30
C LEU A 6 -1.15 9.22 3.99
N ASN A 7 -1.08 9.42 5.28
CA ASN A 7 0.11 9.05 6.08
C ASN A 7 0.43 7.54 6.04
N CYS A 8 1.46 7.19 6.76
CA CYS A 8 1.91 5.78 6.83
C CYS A 8 1.17 5.08 7.98
N ASP A 9 0.58 3.95 7.70
CA ASP A 9 -0.15 3.19 8.76
C ASP A 9 0.84 2.20 9.40
N PRO A 10 0.97 2.22 10.71
CA PRO A 10 2.08 1.50 11.43
C PRO A 10 2.12 0.02 11.05
N ARG A 11 0.95 -0.51 10.84
CA ARG A 11 0.78 -1.94 10.46
C ARG A 11 1.13 -2.10 8.97
N ILE A 12 0.81 -1.11 8.17
CA ILE A 12 1.10 -1.19 6.70
C ILE A 12 2.60 -0.98 6.44
N ALA A 13 3.08 -1.73 5.48
CA ALA A 13 4.51 -1.65 5.08
C ALA A 13 4.57 -0.96 3.73
N TYR A 14 3.97 -1.60 2.75
CA TYR A 14 3.96 -1.02 1.37
C TYR A 14 2.93 -1.75 0.51
N GLY A 15 2.98 -1.48 -0.78
CA GLY A 15 2.03 -2.14 -1.72
C GLY A 15 2.66 -2.30 -3.10
N VAL A 16 2.15 -3.28 -3.81
CA VAL A 16 2.66 -3.58 -5.19
C VAL A 16 1.49 -4.07 -6.07
N CYS A 17 1.50 -3.64 -7.31
CA CYS A 17 0.44 -4.00 -8.31
C CYS A 17 0.97 -4.95 -9.40
N PRO A 18 0.09 -5.42 -10.26
CA PRO A 18 0.49 -6.21 -11.46
C PRO A 18 1.45 -5.42 -12.38
N ARG A 19 2.03 -6.13 -13.31
CA ARG A 19 3.01 -5.51 -14.28
C ARG A 19 4.13 -4.74 -13.58
N SER A 20 4.39 -5.17 -12.38
CA SER A 20 5.45 -4.57 -11.52
C SER A 20 5.66 -5.49 -10.30
N GLU A 21 6.69 -6.28 -10.37
CA GLU A 21 7.01 -7.22 -9.27
C GLU A 21 7.58 -6.44 -8.07
N GLU A 22 8.31 -5.40 -8.40
CA GLU A 22 8.95 -4.52 -7.38
C GLU A 22 9.95 -5.26 -6.48
N LYS A 23 10.68 -4.47 -5.72
CA LYS A 23 11.69 -5.02 -4.79
C LYS A 23 10.99 -5.58 -3.54
N LYS A 24 9.89 -4.95 -3.21
CA LYS A 24 9.04 -5.32 -2.02
C LYS A 24 9.91 -5.74 -0.84
N ASN A 25 10.79 -4.83 -0.52
CA ASN A 25 11.75 -5.01 0.60
C ASN A 25 12.07 -3.61 1.16
N ASP A 26 11.01 -2.84 1.30
CA ASP A 26 11.13 -1.46 1.83
C ASP A 26 9.73 -1.00 2.26
N ARG A 27 9.63 -0.71 3.53
CA ARG A 27 8.34 -0.25 4.13
C ARG A 27 8.19 1.25 3.84
N ILE A 28 7.60 1.49 2.70
CA ILE A 28 7.36 2.86 2.21
C ILE A 28 6.26 3.47 3.12
N CYS A 29 5.94 4.72 2.87
CA CYS A 29 4.90 5.41 3.70
C CYS A 29 3.58 5.41 2.94
N THR A 30 2.66 4.66 3.45
CA THR A 30 1.30 4.55 2.82
C THR A 30 0.36 3.81 3.79
N ASN A 31 -0.90 3.83 3.44
CA ASN A 31 -1.93 3.15 4.27
C ASN A 31 -3.11 2.65 3.41
N CYS A 32 -3.68 1.54 3.81
CA CYS A 32 -4.83 0.96 3.05
C CYS A 32 -5.98 1.95 2.90
N CYS A 33 -6.11 2.82 3.87
CA CYS A 33 -7.20 3.85 3.84
C CYS A 33 -7.09 4.64 2.52
N ALA A 34 -5.89 5.06 2.23
CA ALA A 34 -5.64 5.83 0.98
C ALA A 34 -5.27 4.88 -0.16
N GLY A 35 -4.07 4.35 -0.09
CA GLY A 35 -3.53 3.40 -1.11
C GLY A 35 -4.01 3.67 -2.55
N THR A 36 -4.14 2.60 -3.29
CA THR A 36 -4.62 2.67 -4.71
C THR A 36 -5.48 1.42 -4.95
N LYS A 37 -6.02 1.34 -6.14
CA LYS A 37 -6.88 0.18 -6.52
C LYS A 37 -6.05 -0.67 -7.49
N GLY A 38 -6.15 -1.97 -7.33
CA GLY A 38 -5.38 -2.89 -8.20
C GLY A 38 -4.11 -3.29 -7.45
N CYS A 39 -3.48 -2.32 -6.83
CA CYS A 39 -2.23 -2.60 -6.07
C CYS A 39 -2.65 -3.18 -4.73
N LYS A 40 -1.84 -4.08 -4.27
CA LYS A 40 -2.06 -4.79 -2.97
C LYS A 40 -1.10 -4.30 -1.89
N TYR A 41 -1.66 -3.73 -0.85
CA TYR A 41 -0.90 -3.19 0.29
C TYR A 41 -0.82 -4.20 1.44
N PHE A 42 0.40 -4.57 1.71
CA PHE A 42 0.76 -5.54 2.77
C PHE A 42 1.55 -4.87 3.92
N SER A 43 1.37 -5.49 5.06
CA SER A 43 2.00 -5.08 6.33
C SER A 43 3.49 -5.40 6.42
N ASP A 44 4.00 -5.05 7.58
CA ASP A 44 5.43 -5.25 7.93
C ASP A 44 5.62 -6.68 8.46
N ASP A 45 4.55 -7.18 9.03
CA ASP A 45 4.52 -8.56 9.60
C ASP A 45 4.52 -9.60 8.47
N GLY A 46 4.46 -9.12 7.25
CA GLY A 46 4.44 -10.01 6.06
C GLY A 46 3.06 -10.66 6.01
N THR A 47 2.08 -9.80 5.90
CA THR A 47 0.66 -10.22 5.83
C THR A 47 -0.12 -9.13 5.07
N PHE A 48 -0.69 -9.56 3.97
CA PHE A 48 -1.49 -8.65 3.10
C PHE A 48 -2.68 -8.03 3.85
N VAL A 49 -2.84 -6.74 3.70
CA VAL A 49 -3.97 -6.03 4.38
C VAL A 49 -5.10 -5.72 3.38
N CYS A 50 -4.82 -4.92 2.37
CA CYS A 50 -5.95 -4.63 1.40
C CYS A 50 -5.39 -4.02 0.14
N GLU A 51 -6.18 -3.95 -0.89
CA GLU A 51 -5.69 -3.37 -2.17
C GLU A 51 -6.07 -1.87 -2.21
N GLY A 52 -5.38 -1.17 -1.34
CA GLY A 52 -5.52 0.31 -1.15
C GLY A 52 -6.92 0.89 -1.37
N GLU A 53 -6.97 2.05 -1.98
CA GLU A 53 -8.27 2.72 -2.25
C GLU A 53 -8.04 4.05 -3.03
N SER A 54 -7.39 4.00 -4.18
CA SER A 54 -7.15 5.28 -4.95
C SER A 54 -8.39 6.21 -4.95
N MET A 1 -5.45 16.69 -6.24
CA MET A 1 -6.05 16.02 -5.06
C MET A 1 -6.22 14.50 -5.32
N LYS A 2 -5.47 14.01 -6.27
CA LYS A 2 -5.52 12.57 -6.63
C LYS A 2 -5.00 11.72 -5.46
N ALA A 3 -5.80 10.74 -5.09
CA ALA A 3 -5.46 9.82 -3.95
C ALA A 3 -5.29 10.56 -2.61
N CYS A 4 -5.12 9.77 -1.58
CA CYS A 4 -4.94 10.31 -0.20
C CYS A 4 -3.55 10.96 -0.07
N THR A 5 -3.17 11.19 1.16
CA THR A 5 -1.85 11.81 1.48
C THR A 5 -0.73 10.79 1.18
N LEU A 6 0.09 10.48 2.17
CA LEU A 6 1.21 9.50 1.96
C LEU A 6 1.81 8.94 3.27
N ASN A 7 1.23 9.30 4.38
CA ASN A 7 1.72 8.83 5.69
C ASN A 7 1.71 7.31 5.77
N CYS A 8 2.60 6.81 6.59
CA CYS A 8 2.72 5.33 6.77
C CYS A 8 1.78 4.83 7.87
N ASP A 9 0.98 3.86 7.51
CA ASP A 9 0.02 3.27 8.48
C ASP A 9 0.74 2.12 9.22
N PRO A 10 0.63 2.04 10.53
CA PRO A 10 1.39 1.05 11.34
C PRO A 10 1.22 -0.38 10.84
N ARG A 11 0.04 -0.66 10.35
CA ARG A 11 -0.28 -2.02 9.82
C ARG A 11 0.30 -2.17 8.40
N ILE A 12 0.41 -1.07 7.70
CA ILE A 12 0.96 -1.09 6.31
C ILE A 12 2.49 -0.96 6.32
N ALA A 13 3.07 -1.64 5.37
CA ALA A 13 4.56 -1.65 5.19
C ALA A 13 4.89 -1.13 3.80
N TYR A 14 4.24 -1.72 2.84
CA TYR A 14 4.46 -1.33 1.40
C TYR A 14 3.32 -1.90 0.55
N GLY A 15 3.41 -1.70 -0.75
CA GLY A 15 2.35 -2.22 -1.65
C GLY A 15 2.81 -2.41 -3.09
N VAL A 16 2.09 -3.26 -3.78
CA VAL A 16 2.39 -3.58 -5.22
C VAL A 16 1.18 -3.23 -6.09
N CYS A 17 1.38 -2.32 -6.99
CA CYS A 17 0.30 -1.87 -7.92
C CYS A 17 0.61 -2.37 -9.35
N PRO A 18 -0.31 -2.15 -10.27
CA PRO A 18 0.04 -2.09 -11.73
C PRO A 18 0.96 -0.89 -12.02
N ARG A 19 1.56 -0.91 -13.19
CA ARG A 19 2.49 0.18 -13.66
C ARG A 19 3.43 0.71 -12.55
N SER A 20 4.06 -0.26 -11.97
CA SER A 20 5.04 -0.04 -10.87
C SER A 20 6.01 -1.22 -10.86
N GLU A 21 7.15 -0.97 -11.45
CA GLU A 21 8.25 -1.94 -11.57
C GLU A 21 8.90 -2.11 -10.20
N GLU A 22 9.24 -3.35 -9.98
CA GLU A 22 9.89 -3.86 -8.73
C GLU A 22 8.75 -3.98 -7.72
N LYS A 23 8.42 -5.21 -7.44
CA LYS A 23 7.32 -5.52 -6.47
C LYS A 23 7.74 -5.16 -5.03
N LYS A 24 8.05 -6.15 -4.22
CA LYS A 24 8.46 -5.86 -2.81
C LYS A 24 9.99 -5.80 -2.80
N ASN A 25 10.48 -4.59 -2.89
CA ASN A 25 11.94 -4.33 -2.90
C ASN A 25 12.27 -3.01 -2.19
N ASP A 26 11.30 -2.52 -1.47
CA ASP A 26 11.45 -1.23 -0.71
C ASP A 26 10.23 -1.04 0.18
N ARG A 27 10.48 -0.99 1.47
CA ARG A 27 9.37 -0.80 2.45
C ARG A 27 9.13 0.72 2.57
N ILE A 28 8.32 1.19 1.65
CA ILE A 28 7.96 2.64 1.58
C ILE A 28 7.05 3.03 2.76
N CYS A 29 6.80 4.31 2.85
CA CYS A 29 5.93 4.89 3.92
C CYS A 29 4.61 5.22 3.25
N THR A 30 3.60 4.44 3.57
CA THR A 30 2.25 4.68 2.97
C THR A 30 1.15 3.95 3.77
N ASN A 31 -0.07 4.33 3.46
CA ASN A 31 -1.27 3.75 4.13
C ASN A 31 -2.24 3.24 3.05
N CYS A 32 -3.07 2.29 3.43
CA CYS A 32 -4.06 1.70 2.48
C CYS A 32 -4.86 2.77 1.72
N CYS A 33 -5.07 3.88 2.38
CA CYS A 33 -5.82 5.01 1.76
C CYS A 33 -5.05 5.50 0.53
N ALA A 34 -3.81 5.90 0.75
CA ALA A 34 -2.95 6.41 -0.37
C ALA A 34 -2.85 5.39 -1.51
N GLY A 35 -2.80 4.13 -1.15
CA GLY A 35 -2.71 3.05 -2.16
C GLY A 35 -3.87 3.18 -3.15
N THR A 36 -3.66 2.74 -4.36
CA THR A 36 -4.74 2.83 -5.39
C THR A 36 -5.54 1.52 -5.43
N LYS A 37 -6.58 1.55 -6.22
CA LYS A 37 -7.46 0.35 -6.36
C LYS A 37 -6.72 -0.61 -7.30
N GLY A 38 -6.72 -1.86 -6.93
CA GLY A 38 -6.04 -2.91 -7.75
C GLY A 38 -4.68 -3.24 -7.11
N CYS A 39 -4.15 -2.29 -6.36
CA CYS A 39 -2.84 -2.47 -5.68
C CYS A 39 -2.96 -3.56 -4.61
N LYS A 40 -1.83 -3.87 -4.02
CA LYS A 40 -1.79 -4.91 -2.95
C LYS A 40 -0.91 -4.39 -1.80
N TYR A 41 -1.55 -3.76 -0.85
CA TYR A 41 -0.86 -3.19 0.34
C TYR A 41 -0.72 -4.20 1.47
N PHE A 42 0.51 -4.53 1.76
CA PHE A 42 0.83 -5.51 2.85
C PHE A 42 1.70 -4.94 3.96
N SER A 43 1.58 -5.66 5.06
CA SER A 43 2.29 -5.39 6.31
C SER A 43 3.80 -5.66 6.24
N ASP A 44 4.43 -5.40 7.36
CA ASP A 44 5.90 -5.58 7.54
C ASP A 44 6.26 -7.06 7.55
N ASP A 45 5.46 -7.80 8.28
CA ASP A 45 5.65 -9.27 8.42
C ASP A 45 5.37 -9.98 7.08
N GLY A 46 4.88 -9.24 6.12
CA GLY A 46 4.57 -9.82 4.79
C GLY A 46 3.23 -10.52 5.01
N THR A 47 2.23 -9.70 5.14
CA THR A 47 0.84 -10.15 5.36
C THR A 47 -0.09 -9.07 4.80
N PHE A 48 -0.70 -9.43 3.71
CA PHE A 48 -1.66 -8.56 2.99
C PHE A 48 -2.70 -7.88 3.89
N VAL A 49 -2.75 -6.58 3.78
CA VAL A 49 -3.71 -5.75 4.57
C VAL A 49 -4.89 -5.31 3.68
N CYS A 50 -4.63 -4.70 2.55
CA CYS A 50 -5.76 -4.26 1.67
C CYS A 50 -5.22 -4.13 0.25
N GLU A 51 -6.09 -3.79 -0.66
CA GLU A 51 -5.66 -3.63 -2.08
C GLU A 51 -5.71 -2.12 -2.38
N GLY A 52 -5.01 -1.39 -1.56
CA GLY A 52 -4.94 0.10 -1.68
C GLY A 52 -6.37 0.67 -1.65
N GLU A 53 -6.65 1.64 -2.50
CA GLU A 53 -7.99 2.33 -2.63
C GLU A 53 -7.74 3.81 -2.97
N SER A 54 -7.39 4.02 -4.21
CA SER A 54 -7.10 5.40 -4.75
C SER A 54 -5.89 6.07 -4.06
N MET A 1 -13.26 3.56 -2.29
CA MET A 1 -13.48 4.59 -3.34
C MET A 1 -12.89 5.93 -2.87
N LYS A 2 -12.34 6.65 -3.83
CA LYS A 2 -11.71 7.98 -3.58
C LYS A 2 -10.63 7.91 -2.49
N ALA A 3 -9.40 7.85 -2.95
CA ALA A 3 -8.23 7.77 -2.04
C ALA A 3 -8.25 8.79 -0.90
N CYS A 4 -7.87 8.35 0.26
CA CYS A 4 -7.83 9.21 1.48
C CYS A 4 -6.78 10.33 1.39
N THR A 5 -6.50 10.92 2.52
CA THR A 5 -5.51 12.02 2.68
C THR A 5 -4.04 11.59 2.54
N LEU A 6 -3.76 10.62 1.69
CA LEU A 6 -2.36 10.12 1.49
C LEU A 6 -1.68 9.76 2.82
N ASN A 7 -2.49 9.41 3.78
CA ASN A 7 -2.03 9.03 5.14
C ASN A 7 -1.02 7.87 5.15
N CYS A 8 -0.53 7.62 6.33
CA CYS A 8 0.46 6.53 6.56
C CYS A 8 -0.37 5.55 7.43
N ASP A 9 -0.05 4.30 7.33
CA ASP A 9 -0.75 3.24 8.09
C ASP A 9 0.19 2.27 8.85
N PRO A 10 0.04 2.21 10.16
CA PRO A 10 1.07 1.61 11.06
C PRO A 10 1.30 0.12 10.76
N ARG A 11 0.24 -0.54 10.39
CA ARG A 11 0.35 -2.00 10.09
C ARG A 11 0.78 -2.23 8.64
N ILE A 12 0.67 -1.23 7.79
CA ILE A 12 1.07 -1.44 6.36
C ILE A 12 2.57 -1.16 6.17
N ALA A 13 3.16 -2.01 5.38
CA ALA A 13 4.61 -1.88 5.06
C ALA A 13 4.68 -1.21 3.71
N TYR A 14 4.06 -1.83 2.72
CA TYR A 14 4.09 -1.23 1.36
C TYR A 14 3.07 -1.84 0.38
N GLY A 15 2.89 -1.10 -0.69
CA GLY A 15 1.94 -1.49 -1.78
C GLY A 15 2.70 -1.93 -3.02
N VAL A 16 2.03 -2.75 -3.80
CA VAL A 16 2.62 -3.29 -5.07
C VAL A 16 1.55 -3.20 -6.19
N CYS A 17 1.81 -2.37 -7.17
CA CYS A 17 0.84 -2.21 -8.30
C CYS A 17 1.26 -2.98 -9.56
N PRO A 18 0.37 -3.78 -10.12
CA PRO A 18 0.64 -4.57 -11.38
C PRO A 18 1.28 -3.71 -12.48
N ARG A 19 2.24 -4.30 -13.15
CA ARG A 19 2.99 -3.62 -14.28
C ARG A 19 3.49 -2.21 -13.88
N SER A 20 3.81 -2.09 -12.62
CA SER A 20 4.32 -0.82 -12.02
C SER A 20 4.71 -1.15 -10.58
N GLU A 21 5.70 -2.00 -10.48
CA GLU A 21 6.21 -2.43 -9.14
C GLU A 21 7.63 -3.03 -9.24
N GLU A 22 7.74 -4.29 -8.90
CA GLU A 22 9.02 -5.06 -8.92
C GLU A 22 10.12 -4.44 -8.03
N LYS A 23 9.65 -4.05 -6.86
CA LYS A 23 10.48 -3.42 -5.81
C LYS A 23 10.21 -4.32 -4.59
N LYS A 24 9.09 -4.07 -3.96
CA LYS A 24 8.62 -4.81 -2.75
C LYS A 24 9.78 -5.22 -1.84
N ASN A 25 10.52 -4.18 -1.51
CA ASN A 25 11.72 -4.34 -0.63
C ASN A 25 11.99 -2.96 -0.01
N ASP A 26 10.96 -2.40 0.57
CA ASP A 26 11.05 -1.07 1.22
C ASP A 26 9.74 -0.86 1.99
N ARG A 27 9.89 -0.58 3.26
CA ARG A 27 8.72 -0.35 4.14
C ARG A 27 8.33 1.13 3.98
N ILE A 28 7.46 1.35 3.04
CA ILE A 28 6.96 2.72 2.73
C ILE A 28 6.01 3.11 3.90
N CYS A 29 5.42 4.26 3.79
CA CYS A 29 4.48 4.79 4.82
C CYS A 29 3.30 5.31 4.00
N THR A 30 2.35 4.42 3.82
CA THR A 30 1.11 4.73 3.04
C THR A 30 -0.12 4.20 3.80
N ASN A 31 -1.27 4.51 3.27
CA ASN A 31 -2.56 4.08 3.89
C ASN A 31 -3.43 3.30 2.90
N CYS A 32 -4.12 2.30 3.43
CA CYS A 32 -5.01 1.45 2.59
C CYS A 32 -6.02 2.30 1.82
N CYS A 33 -6.75 3.09 2.57
CA CYS A 33 -7.77 3.98 1.95
C CYS A 33 -7.10 4.98 1.00
N ALA A 34 -5.88 5.34 1.32
CA ALA A 34 -5.12 6.31 0.47
C ALA A 34 -4.53 5.59 -0.75
N GLY A 35 -4.47 4.28 -0.65
CA GLY A 35 -3.93 3.40 -1.71
C GLY A 35 -4.64 3.54 -3.07
N THR A 36 -4.38 2.58 -3.93
CA THR A 36 -4.99 2.57 -5.29
C THR A 36 -5.78 1.26 -5.52
N LYS A 37 -6.36 1.14 -6.69
CA LYS A 37 -7.16 -0.06 -7.06
C LYS A 37 -6.22 -0.98 -7.86
N GLY A 38 -6.38 -2.27 -7.68
CA GLY A 38 -5.52 -3.26 -8.40
C GLY A 38 -4.23 -3.53 -7.63
N CYS A 39 -3.73 -2.50 -7.00
CA CYS A 39 -2.47 -2.60 -6.19
C CYS A 39 -2.75 -3.45 -4.94
N LYS A 40 -1.71 -3.88 -4.28
CA LYS A 40 -1.83 -4.72 -3.04
C LYS A 40 -0.88 -4.23 -1.95
N TYR A 41 -1.49 -3.80 -0.87
CA TYR A 41 -0.79 -3.27 0.32
C TYR A 41 -0.75 -4.31 1.46
N PHE A 42 0.46 -4.70 1.77
CA PHE A 42 0.73 -5.69 2.84
C PHE A 42 1.68 -5.13 3.91
N SER A 43 1.53 -5.74 5.06
CA SER A 43 2.32 -5.43 6.27
C SER A 43 3.78 -5.88 6.12
N ASP A 44 4.50 -5.64 7.19
CA ASP A 44 5.95 -6.01 7.25
C ASP A 44 6.12 -7.41 7.85
N ASP A 45 5.27 -7.71 8.80
CA ASP A 45 5.31 -9.04 9.48
C ASP A 45 4.80 -10.18 8.58
N GLY A 46 4.47 -9.85 7.35
CA GLY A 46 3.97 -10.86 6.40
C GLY A 46 2.49 -11.14 6.64
N THR A 47 1.71 -10.11 6.45
CA THR A 47 0.24 -10.15 6.63
C THR A 47 -0.39 -9.08 5.74
N PHE A 48 -1.07 -9.54 4.73
CA PHE A 48 -1.74 -8.61 3.77
C PHE A 48 -2.80 -7.74 4.45
N VAL A 49 -2.83 -6.47 4.07
CA VAL A 49 -3.82 -5.53 4.67
C VAL A 49 -4.97 -5.28 3.67
N CYS A 50 -4.70 -4.69 2.52
CA CYS A 50 -5.84 -4.45 1.56
C CYS A 50 -5.29 -4.10 0.19
N GLU A 51 -6.16 -4.09 -0.80
CA GLU A 51 -5.74 -3.78 -2.18
C GLU A 51 -5.92 -2.27 -2.47
N GLY A 52 -5.31 -1.49 -1.61
CA GLY A 52 -5.37 0.00 -1.71
C GLY A 52 -6.82 0.53 -1.78
N GLU A 53 -7.02 1.62 -2.49
CA GLU A 53 -8.38 2.22 -2.62
C GLU A 53 -8.32 3.53 -3.46
N SER A 54 -7.89 3.42 -4.70
CA SER A 54 -7.81 4.63 -5.61
C SER A 54 -9.02 5.59 -5.48
N MET A 1 -15.99 10.56 -0.45
CA MET A 1 -15.18 10.64 0.79
C MET A 1 -14.13 11.76 0.67
N LYS A 2 -13.77 12.30 1.81
CA LYS A 2 -12.76 13.40 1.86
C LYS A 2 -11.36 12.82 1.58
N ALA A 3 -10.52 13.63 0.99
CA ALA A 3 -9.12 13.22 0.64
C ALA A 3 -8.45 12.42 1.78
N CYS A 4 -7.87 11.31 1.40
CA CYS A 4 -7.17 10.43 2.38
C CYS A 4 -5.90 11.06 2.98
N THR A 5 -5.45 10.43 4.03
CA THR A 5 -4.25 10.85 4.76
C THR A 5 -3.05 10.15 4.11
N LEU A 6 -2.11 10.97 3.72
CA LEU A 6 -0.86 10.47 3.07
C LEU A 6 0.08 9.76 4.06
N ASN A 7 -0.28 9.82 5.33
CA ASN A 7 0.51 9.18 6.41
C ASN A 7 0.68 7.67 6.21
N CYS A 8 1.40 7.08 7.15
CA CYS A 8 1.67 5.61 7.11
C CYS A 8 0.74 4.91 8.11
N ASP A 9 0.09 3.88 7.64
CA ASP A 9 -0.85 3.10 8.50
C ASP A 9 -0.06 1.98 9.23
N PRO A 10 -0.24 1.84 10.52
CA PRO A 10 0.64 0.98 11.37
C PRO A 10 0.77 -0.45 10.83
N ARG A 11 -0.31 -0.90 10.24
CA ARG A 11 -0.34 -2.27 9.65
C ARG A 11 0.28 -2.26 8.25
N ILE A 12 0.15 -1.16 7.56
CA ILE A 12 0.72 -1.06 6.18
C ILE A 12 2.24 -0.90 6.24
N ALA A 13 2.86 -1.61 5.32
CA ALA A 13 4.35 -1.61 5.18
C ALA A 13 4.68 -1.06 3.80
N TYR A 14 4.17 -1.76 2.83
CA TYR A 14 4.38 -1.40 1.40
C TYR A 14 3.31 -2.06 0.54
N GLY A 15 3.42 -1.90 -0.75
CA GLY A 15 2.41 -2.52 -1.65
C GLY A 15 2.82 -2.53 -3.11
N VAL A 16 2.23 -3.46 -3.82
CA VAL A 16 2.50 -3.63 -5.28
C VAL A 16 1.31 -3.15 -6.10
N CYS A 17 1.55 -2.10 -6.86
CA CYS A 17 0.49 -1.51 -7.73
C CYS A 17 0.85 -1.78 -9.21
N PRO A 18 -0.14 -2.09 -10.02
CA PRO A 18 0.05 -2.24 -11.49
C PRO A 18 0.36 -0.86 -12.09
N ARG A 19 1.05 -0.88 -13.21
CA ARG A 19 1.42 0.39 -13.91
C ARG A 19 2.26 1.30 -13.00
N SER A 20 2.95 0.66 -12.09
CA SER A 20 3.81 1.40 -11.12
C SER A 20 5.05 0.56 -10.74
N GLU A 21 5.75 0.15 -11.77
CA GLU A 21 7.01 -0.67 -11.72
C GLU A 21 7.19 -1.74 -10.62
N GLU A 22 6.13 -2.11 -9.92
CA GLU A 22 6.19 -3.14 -8.84
C GLU A 22 7.11 -2.73 -7.67
N LYS A 23 6.63 -2.90 -6.45
CA LYS A 23 7.45 -2.54 -5.25
C LYS A 23 7.06 -3.33 -4.01
N LYS A 24 8.03 -4.05 -3.50
CA LYS A 24 7.85 -4.89 -2.29
C LYS A 24 9.25 -5.10 -1.70
N ASN A 25 9.89 -3.97 -1.48
CA ASN A 25 11.27 -3.94 -0.91
C ASN A 25 11.60 -2.51 -0.45
N ASP A 26 10.55 -1.78 -0.12
CA ASP A 26 10.69 -0.37 0.35
C ASP A 26 9.45 -0.08 1.19
N ARG A 27 9.67 0.12 2.47
CA ARG A 27 8.55 0.42 3.41
C ARG A 27 8.11 1.88 3.18
N ILE A 28 7.27 2.06 2.19
CA ILE A 28 6.77 3.42 1.87
C ILE A 28 5.77 3.83 2.97
N CYS A 29 5.31 5.05 2.90
CA CYS A 29 4.35 5.59 3.91
C CYS A 29 3.00 5.87 3.24
N THR A 30 2.06 5.00 3.51
CA THR A 30 0.69 5.12 2.92
C THR A 30 -0.34 4.38 3.78
N ASN A 31 -1.59 4.62 3.46
CA ASN A 31 -2.75 4.00 4.17
C ASN A 31 -3.65 3.27 3.16
N CYS A 32 -4.55 2.47 3.68
CA CYS A 32 -5.49 1.71 2.80
C CYS A 32 -6.33 2.70 1.98
N CYS A 33 -6.69 3.77 2.66
CA CYS A 33 -7.50 4.86 2.03
C CYS A 33 -6.66 5.48 0.90
N ALA A 34 -5.45 5.83 1.25
CA ALA A 34 -4.51 6.46 0.27
C ALA A 34 -4.22 5.48 -0.90
N GLY A 35 -4.59 4.24 -0.68
CA GLY A 35 -4.39 3.15 -1.68
C GLY A 35 -4.89 3.53 -3.09
N THR A 36 -4.34 2.86 -4.08
CA THR A 36 -4.73 3.15 -5.49
C THR A 36 -5.40 1.92 -6.16
N LYS A 37 -5.61 1.99 -7.45
CA LYS A 37 -6.26 0.86 -8.21
C LYS A 37 -5.33 -0.33 -8.40
N GLY A 38 -5.92 -1.49 -8.30
CA GLY A 38 -5.20 -2.79 -8.46
C GLY A 38 -4.04 -3.03 -7.47
N CYS A 39 -3.79 -2.09 -6.60
CA CYS A 39 -2.68 -2.26 -5.61
C CYS A 39 -2.97 -3.34 -4.58
N LYS A 40 -1.92 -3.75 -3.94
CA LYS A 40 -1.96 -4.79 -2.88
C LYS A 40 -0.98 -4.31 -1.80
N TYR A 41 -1.50 -3.67 -0.78
CA TYR A 41 -0.65 -3.15 0.32
C TYR A 41 -0.62 -4.12 1.50
N PHE A 42 0.56 -4.61 1.78
CA PHE A 42 0.79 -5.56 2.89
C PHE A 42 1.70 -4.98 3.96
N SER A 43 1.71 -5.73 5.03
CA SER A 43 2.51 -5.43 6.23
C SER A 43 3.94 -5.90 5.90
N ASP A 44 4.81 -5.66 6.84
CA ASP A 44 6.25 -6.06 6.68
C ASP A 44 6.48 -7.43 7.35
N ASP A 45 5.39 -8.04 7.75
CA ASP A 45 5.41 -9.37 8.42
C ASP A 45 3.97 -9.88 8.61
N GLY A 46 3.06 -8.95 8.78
CA GLY A 46 1.63 -9.27 8.99
C GLY A 46 0.89 -9.45 7.66
N THR A 47 1.68 -9.61 6.62
CA THR A 47 1.22 -9.80 5.21
C THR A 47 0.05 -8.89 4.76
N PHE A 48 -0.53 -9.22 3.64
CA PHE A 48 -1.67 -8.46 3.04
C PHE A 48 -2.64 -7.74 4.00
N VAL A 49 -2.62 -6.44 3.90
CA VAL A 49 -3.50 -5.57 4.75
C VAL A 49 -4.69 -5.02 3.94
N CYS A 50 -4.45 -4.56 2.73
CA CYS A 50 -5.54 -3.98 1.87
C CYS A 50 -5.18 -4.09 0.39
N GLU A 51 -6.15 -3.83 -0.47
CA GLU A 51 -5.91 -3.90 -1.94
C GLU A 51 -6.12 -2.51 -2.56
N GLY A 52 -5.39 -1.57 -2.02
CA GLY A 52 -5.46 -0.15 -2.50
C GLY A 52 -6.87 0.44 -2.39
N GLU A 53 -7.14 1.47 -3.17
CA GLU A 53 -8.49 2.11 -3.12
C GLU A 53 -8.86 2.97 -4.35
N SER A 54 -7.93 3.46 -5.13
CA SER A 54 -8.37 4.30 -6.32
C SER A 54 -8.93 3.43 -7.47
N MET A 1 -9.79 5.34 2.08
CA MET A 1 -10.39 6.39 1.19
C MET A 1 -9.52 6.62 -0.04
N LYS A 2 -9.97 7.53 -0.88
CA LYS A 2 -9.23 7.87 -2.12
C LYS A 2 -8.05 8.82 -1.88
N ALA A 3 -6.89 8.23 -1.88
CA ALA A 3 -5.60 8.96 -1.68
C ALA A 3 -5.57 9.90 -0.46
N CYS A 4 -5.22 9.33 0.67
CA CYS A 4 -5.15 10.08 1.96
C CYS A 4 -3.94 11.04 2.01
N THR A 5 -3.63 11.48 3.20
CA THR A 5 -2.50 12.42 3.47
C THR A 5 -1.12 11.81 3.13
N LEU A 6 -1.13 10.65 2.54
CA LEU A 6 0.13 9.91 2.14
C LEU A 6 0.96 9.46 3.34
N ASN A 7 0.41 9.66 4.52
CA ASN A 7 1.10 9.26 5.77
C ASN A 7 1.29 7.74 5.83
N CYS A 8 1.92 7.30 6.88
CA CYS A 8 2.19 5.85 7.08
C CYS A 8 1.28 5.20 8.14
N ASP A 9 0.71 4.08 7.78
CA ASP A 9 -0.19 3.35 8.71
C ASP A 9 0.68 2.27 9.38
N PRO A 10 0.69 2.22 10.70
CA PRO A 10 1.68 1.40 11.47
C PRO A 10 1.67 -0.07 11.04
N ARG A 11 0.50 -0.51 10.68
CA ARG A 11 0.28 -1.91 10.23
C ARG A 11 0.76 -2.06 8.78
N ILE A 12 0.60 -1.02 7.98
CA ILE A 12 1.03 -1.08 6.55
C ILE A 12 2.57 -0.99 6.43
N ALA A 13 3.06 -1.63 5.40
CA ALA A 13 4.53 -1.64 5.13
C ALA A 13 4.72 -1.08 3.73
N TYR A 14 4.11 -1.75 2.78
CA TYR A 14 4.22 -1.29 1.36
C TYR A 14 3.17 -1.97 0.51
N GLY A 15 3.31 -1.83 -0.78
CA GLY A 15 2.33 -2.46 -1.72
C GLY A 15 2.91 -2.64 -3.12
N VAL A 16 2.16 -3.35 -3.92
CA VAL A 16 2.58 -3.62 -5.33
C VAL A 16 1.39 -3.26 -6.24
N CYS A 17 1.65 -2.46 -7.23
CA CYS A 17 0.58 -2.03 -8.19
C CYS A 17 0.68 -2.74 -9.55
N PRO A 18 -0.39 -2.70 -10.34
CA PRO A 18 -0.35 -3.18 -11.76
C PRO A 18 0.74 -2.45 -12.56
N ARG A 19 1.67 -3.24 -13.06
CA ARG A 19 2.83 -2.72 -13.88
C ARG A 19 3.48 -1.51 -13.20
N SER A 20 3.83 -1.79 -11.98
CA SER A 20 4.49 -0.85 -11.03
C SER A 20 4.71 -1.69 -9.76
N GLU A 21 5.94 -1.99 -9.48
CA GLU A 21 6.25 -2.80 -8.27
C GLU A 21 6.05 -1.99 -6.99
N GLU A 22 6.18 -0.69 -7.10
CA GLU A 22 6.00 0.22 -5.93
C GLU A 22 6.83 -0.24 -4.70
N LYS A 23 8.09 0.11 -4.74
CA LYS A 23 9.09 -0.21 -3.68
C LYS A 23 8.73 -1.42 -2.79
N LYS A 24 9.15 -2.59 -3.22
CA LYS A 24 8.87 -3.84 -2.45
C LYS A 24 10.20 -4.47 -2.02
N ASN A 25 10.98 -3.67 -1.35
CA ASN A 25 12.32 -4.16 -0.87
C ASN A 25 12.89 -3.32 0.28
N ASP A 26 12.06 -2.50 0.87
CA ASP A 26 12.52 -1.64 2.01
C ASP A 26 11.38 -0.87 2.68
N ARG A 27 10.30 -1.59 2.88
CA ARG A 27 9.03 -1.12 3.51
C ARG A 27 8.79 0.40 3.43
N ILE A 28 7.89 0.77 2.56
CA ILE A 28 7.53 2.20 2.34
C ILE A 28 6.82 2.71 3.62
N CYS A 29 6.41 3.94 3.58
CA CYS A 29 5.71 4.57 4.74
C CYS A 29 4.40 5.16 4.16
N THR A 30 3.46 4.27 3.91
CA THR A 30 2.14 4.68 3.33
C THR A 30 0.94 4.02 4.04
N ASN A 31 -0.24 4.43 3.61
CA ASN A 31 -1.53 3.90 4.17
C ASN A 31 -2.27 3.16 3.03
N CYS A 32 -3.30 2.45 3.39
CA CYS A 32 -4.09 1.69 2.36
C CYS A 32 -4.85 2.74 1.52
N CYS A 33 -5.36 3.72 2.24
CA CYS A 33 -6.13 4.84 1.62
C CYS A 33 -5.21 5.68 0.73
N ALA A 34 -4.03 5.93 1.24
CA ALA A 34 -3.01 6.73 0.50
C ALA A 34 -2.71 6.00 -0.81
N GLY A 35 -2.61 4.70 -0.67
CA GLY A 35 -2.34 3.80 -1.81
C GLY A 35 -3.42 3.88 -2.88
N THR A 36 -3.00 3.71 -4.11
CA THR A 36 -3.98 3.76 -5.25
C THR A 36 -4.74 2.45 -5.35
N LYS A 37 -5.72 2.45 -6.23
CA LYS A 37 -6.58 1.26 -6.45
C LYS A 37 -5.83 0.23 -7.32
N GLY A 38 -6.32 -0.99 -7.29
CA GLY A 38 -5.67 -2.07 -8.09
C GLY A 38 -4.43 -2.61 -7.38
N CYS A 39 -3.77 -1.75 -6.62
CA CYS A 39 -2.54 -2.16 -5.88
C CYS A 39 -2.90 -3.11 -4.72
N LYS A 40 -1.88 -3.70 -4.14
CA LYS A 40 -2.03 -4.64 -2.98
C LYS A 40 -1.03 -4.24 -1.90
N TYR A 41 -1.56 -3.66 -0.85
CA TYR A 41 -0.73 -3.20 0.29
C TYR A 41 -0.70 -4.20 1.45
N PHE A 42 0.50 -4.60 1.77
CA PHE A 42 0.79 -5.56 2.86
C PHE A 42 1.57 -4.92 4.00
N SER A 43 1.42 -5.59 5.12
CA SER A 43 2.06 -5.22 6.41
C SER A 43 3.56 -5.46 6.44
N ASP A 44 4.09 -5.10 7.58
CA ASP A 44 5.53 -5.20 7.91
C ASP A 44 5.84 -6.67 8.23
N ASP A 45 4.88 -7.30 8.85
CA ASP A 45 4.99 -8.74 9.24
C ASP A 45 4.92 -9.61 7.98
N GLY A 46 4.64 -8.99 6.85
CA GLY A 46 4.55 -9.71 5.57
C GLY A 46 3.20 -10.43 5.61
N THR A 47 2.17 -9.64 5.61
CA THR A 47 0.78 -10.12 5.66
C THR A 47 -0.13 -9.08 5.00
N PHE A 48 -0.68 -9.46 3.89
CA PHE A 48 -1.60 -8.60 3.08
C PHE A 48 -2.67 -7.90 3.93
N VAL A 49 -2.75 -6.60 3.75
CA VAL A 49 -3.74 -5.77 4.51
C VAL A 49 -4.94 -5.40 3.62
N CYS A 50 -4.68 -4.75 2.51
CA CYS A 50 -5.81 -4.37 1.60
C CYS A 50 -5.32 -4.33 0.17
N GLU A 51 -6.25 -4.14 -0.75
CA GLU A 51 -5.85 -4.08 -2.18
C GLU A 51 -6.38 -2.72 -2.65
N GLY A 52 -5.48 -1.78 -2.65
CA GLY A 52 -5.71 -0.37 -3.07
C GLY A 52 -7.01 0.37 -2.68
N GLU A 53 -6.99 1.67 -2.93
CA GLU A 53 -8.16 2.56 -2.63
C GLU A 53 -8.17 3.84 -3.49
N SER A 54 -7.28 3.96 -4.45
CA SER A 54 -7.21 5.17 -5.34
C SER A 54 -6.84 6.42 -4.49
N MET A 1 -11.26 10.98 -1.43
CA MET A 1 -11.93 11.99 -2.29
C MET A 1 -10.86 12.59 -3.23
N LYS A 2 -11.00 12.29 -4.50
CA LYS A 2 -10.07 12.80 -5.56
C LYS A 2 -8.60 12.52 -5.14
N ALA A 3 -8.22 11.28 -5.30
CA ALA A 3 -6.85 10.78 -4.95
C ALA A 3 -6.57 10.88 -3.44
N CYS A 4 -6.16 9.76 -2.88
CA CYS A 4 -5.85 9.69 -1.42
C CYS A 4 -4.56 10.44 -1.08
N THR A 5 -4.21 10.40 0.19
CA THR A 5 -2.98 11.08 0.69
C THR A 5 -1.77 10.16 0.36
N LEU A 6 -0.70 10.29 1.12
CA LEU A 6 0.53 9.46 0.88
C LEU A 6 1.17 8.99 2.20
N ASN A 7 0.68 9.48 3.31
CA ASN A 7 1.21 9.10 4.64
C ASN A 7 1.27 7.59 4.88
N CYS A 8 2.14 7.23 5.79
CA CYS A 8 2.35 5.81 6.16
C CYS A 8 1.34 5.27 7.18
N ASP A 9 0.82 4.11 6.90
CA ASP A 9 -0.17 3.43 7.78
C ASP A 9 0.62 2.42 8.64
N PRO A 10 0.61 2.57 9.95
CA PRO A 10 1.52 1.82 10.87
C PRO A 10 1.58 0.31 10.62
N ARG A 11 0.42 -0.25 10.43
CA ARG A 11 0.32 -1.72 10.18
C ARG A 11 0.76 -2.10 8.76
N ILE A 12 0.67 -1.17 7.85
CA ILE A 12 1.07 -1.44 6.43
C ILE A 12 2.56 -1.14 6.22
N ALA A 13 3.15 -1.97 5.40
CA ALA A 13 4.60 -1.84 5.07
C ALA A 13 4.67 -1.15 3.73
N TYR A 14 4.02 -1.77 2.76
CA TYR A 14 4.03 -1.17 1.39
C TYR A 14 2.97 -1.80 0.49
N GLY A 15 2.90 -1.26 -0.70
CA GLY A 15 1.92 -1.76 -1.70
C GLY A 15 2.59 -1.98 -3.05
N VAL A 16 2.00 -2.86 -3.81
CA VAL A 16 2.56 -3.18 -5.17
C VAL A 16 1.44 -3.13 -6.21
N CYS A 17 1.58 -2.19 -7.10
CA CYS A 17 0.59 -1.99 -8.20
C CYS A 17 0.96 -2.79 -9.46
N PRO A 18 -0.01 -3.10 -10.29
CA PRO A 18 0.20 -3.93 -11.51
C PRO A 18 1.29 -3.35 -12.43
N ARG A 19 2.19 -4.22 -12.81
CA ARG A 19 3.33 -3.85 -13.71
C ARG A 19 4.14 -2.64 -13.21
N SER A 20 4.16 -2.49 -11.91
CA SER A 20 4.90 -1.35 -11.28
C SER A 20 6.22 -1.90 -10.71
N GLU A 21 6.94 -2.54 -11.59
CA GLU A 21 8.27 -3.17 -11.28
C GLU A 21 8.22 -4.17 -10.11
N GLU A 22 7.04 -4.43 -9.60
CA GLU A 22 6.83 -5.38 -8.46
C GLU A 22 7.74 -5.00 -7.27
N LYS A 23 7.24 -4.13 -6.44
CA LYS A 23 8.00 -3.67 -5.24
C LYS A 23 7.92 -4.66 -4.06
N LYS A 24 7.94 -5.94 -4.37
CA LYS A 24 7.87 -7.00 -3.30
C LYS A 24 9.30 -7.27 -2.79
N ASN A 25 9.91 -6.19 -2.39
CA ASN A 25 11.31 -6.18 -1.84
C ASN A 25 11.64 -4.72 -1.46
N ASP A 26 10.63 -4.02 -1.02
CA ASP A 26 10.80 -2.58 -0.62
C ASP A 26 9.64 -2.18 0.29
N ARG A 27 9.97 -1.90 1.52
CA ARG A 27 8.95 -1.47 2.51
C ARG A 27 8.95 0.06 2.56
N ILE A 28 8.08 0.59 1.73
CA ILE A 28 7.85 2.03 1.55
C ILE A 28 7.17 2.58 2.84
N CYS A 29 6.66 3.79 2.82
CA CYS A 29 5.98 4.38 4.01
C CYS A 29 4.72 5.11 3.51
N THR A 30 3.73 4.32 3.14
CA THR A 30 2.44 4.90 2.63
C THR A 30 1.24 4.14 3.24
N ASN A 31 0.03 4.46 2.80
CA ASN A 31 -1.18 3.77 3.35
C ASN A 31 -2.07 3.12 2.28
N CYS A 32 -2.95 2.27 2.77
CA CYS A 32 -3.92 1.52 1.90
C CYS A 32 -4.66 2.35 0.85
N CYS A 33 -5.05 3.53 1.24
CA CYS A 33 -5.79 4.45 0.32
C CYS A 33 -4.85 5.11 -0.72
N ALA A 34 -3.67 5.41 -0.29
CA ALA A 34 -2.63 6.07 -1.15
C ALA A 34 -2.33 5.32 -2.45
N GLY A 35 -2.09 4.05 -2.33
CA GLY A 35 -1.78 3.21 -3.53
C GLY A 35 -2.90 3.33 -4.57
N THR A 36 -2.58 3.06 -5.81
CA THR A 36 -3.60 3.15 -6.90
C THR A 36 -4.56 1.94 -6.82
N LYS A 37 -5.53 1.94 -7.70
CA LYS A 37 -6.51 0.83 -7.74
C LYS A 37 -5.84 -0.42 -8.32
N GLY A 38 -6.20 -1.56 -7.75
CA GLY A 38 -5.62 -2.86 -8.21
C GLY A 38 -4.30 -3.22 -7.52
N CYS A 39 -3.75 -2.29 -6.76
CA CYS A 39 -2.47 -2.56 -6.05
C CYS A 39 -2.69 -3.55 -4.90
N LYS A 40 -1.61 -3.98 -4.30
CA LYS A 40 -1.67 -4.95 -3.17
C LYS A 40 -0.88 -4.43 -1.96
N TYR A 41 -1.59 -4.00 -0.95
CA TYR A 41 -0.97 -3.47 0.29
C TYR A 41 -0.81 -4.51 1.39
N PHE A 42 0.42 -4.76 1.75
CA PHE A 42 0.78 -5.75 2.82
C PHE A 42 1.65 -5.12 3.91
N SER A 43 1.50 -5.72 5.07
CA SER A 43 2.22 -5.35 6.31
C SER A 43 3.72 -5.64 6.25
N ASP A 44 4.34 -5.32 7.35
CA ASP A 44 5.81 -5.50 7.53
C ASP A 44 6.12 -6.93 7.97
N ASP A 45 5.24 -7.45 8.80
CA ASP A 45 5.40 -8.84 9.32
C ASP A 45 5.04 -9.90 8.27
N GLY A 46 4.64 -9.45 7.11
CA GLY A 46 4.27 -10.37 6.01
C GLY A 46 2.83 -10.85 6.20
N THR A 47 1.93 -9.91 6.08
CA THR A 47 0.48 -10.17 6.24
C THR A 47 -0.30 -9.11 5.44
N PHE A 48 -0.92 -9.59 4.39
CA PHE A 48 -1.73 -8.71 3.49
C PHE A 48 -2.79 -7.89 4.25
N VAL A 49 -2.81 -6.61 3.95
CA VAL A 49 -3.78 -5.66 4.59
C VAL A 49 -4.93 -5.27 3.65
N CYS A 50 -4.66 -4.71 2.50
CA CYS A 50 -5.79 -4.32 1.58
C CYS A 50 -5.22 -4.18 0.18
N GLU A 51 -6.08 -3.80 -0.72
CA GLU A 51 -5.72 -3.59 -2.14
C GLU A 51 -5.73 -2.06 -2.31
N GLY A 52 -4.77 -1.51 -3.01
CA GLY A 52 -4.74 -0.02 -3.21
C GLY A 52 -6.06 0.53 -3.81
N GLU A 53 -6.18 1.84 -3.83
CA GLU A 53 -7.42 2.48 -4.38
C GLU A 53 -7.25 3.99 -4.64
N SER A 54 -6.22 4.31 -5.39
CA SER A 54 -5.88 5.73 -5.77
C SER A 54 -6.01 6.78 -4.64
N MET A 1 -11.45 17.69 -3.57
CA MET A 1 -12.44 16.85 -2.83
C MET A 1 -11.81 15.49 -2.53
N LYS A 2 -11.94 15.07 -1.29
CA LYS A 2 -11.40 13.77 -0.79
C LYS A 2 -9.86 13.70 -0.86
N ALA A 3 -9.28 13.11 0.16
CA ALA A 3 -7.82 12.95 0.26
C ALA A 3 -7.46 12.12 1.50
N CYS A 4 -6.71 11.08 1.27
CA CYS A 4 -6.28 10.16 2.37
C CYS A 4 -5.13 10.78 3.19
N THR A 5 -4.58 9.97 4.06
CA THR A 5 -3.45 10.41 4.93
C THR A 5 -2.19 10.57 4.08
N LEU A 6 -2.05 9.67 3.12
CA LEU A 6 -0.91 9.63 2.17
C LEU A 6 0.37 9.10 2.82
N ASN A 7 0.58 9.46 4.07
CA ASN A 7 1.78 9.03 4.83
C ASN A 7 1.84 7.51 5.02
N CYS A 8 2.86 7.08 5.72
CA CYS A 8 3.05 5.63 5.99
C CYS A 8 2.04 5.16 7.04
N ASP A 9 1.35 4.10 6.71
CA ASP A 9 0.33 3.52 7.64
C ASP A 9 1.08 2.53 8.55
N PRO A 10 1.14 2.80 9.85
CA PRO A 10 2.06 2.10 10.79
C PRO A 10 2.05 0.57 10.64
N ARG A 11 0.86 0.05 10.50
CA ARG A 11 0.68 -1.42 10.34
C ARG A 11 1.09 -1.91 8.94
N ILE A 12 0.90 -1.08 7.95
CA ILE A 12 1.26 -1.46 6.55
C ILE A 12 2.76 -1.24 6.30
N ALA A 13 3.30 -2.11 5.49
CA ALA A 13 4.76 -2.03 5.14
C ALA A 13 4.82 -1.30 3.81
N TYR A 14 4.15 -1.85 2.84
CA TYR A 14 4.16 -1.22 1.48
C TYR A 14 3.07 -1.78 0.57
N GLY A 15 3.03 -1.25 -0.63
CA GLY A 15 2.02 -1.70 -1.64
C GLY A 15 2.66 -1.88 -3.01
N VAL A 16 2.04 -2.72 -3.78
CA VAL A 16 2.51 -3.04 -5.18
C VAL A 16 1.37 -2.97 -6.20
N CYS A 17 1.46 -2.00 -7.07
CA CYS A 17 0.45 -1.76 -8.15
C CYS A 17 1.00 -2.29 -9.49
N PRO A 18 0.15 -2.76 -10.37
CA PRO A 18 0.57 -3.53 -11.59
C PRO A 18 1.77 -2.95 -12.35
N ARG A 19 2.50 -3.84 -12.98
CA ARG A 19 3.72 -3.48 -13.77
C ARG A 19 4.85 -2.89 -12.92
N SER A 20 4.90 -3.34 -11.70
CA SER A 20 5.94 -2.89 -10.72
C SER A 20 6.84 -4.10 -10.40
N GLU A 21 7.68 -4.38 -11.35
CA GLU A 21 8.63 -5.51 -11.24
C GLU A 21 9.74 -5.12 -10.26
N GLU A 22 9.80 -5.89 -9.20
CA GLU A 22 10.79 -5.71 -8.10
C GLU A 22 10.41 -4.46 -7.29
N LYS A 23 9.75 -4.72 -6.20
CA LYS A 23 9.28 -3.65 -5.26
C LYS A 23 8.93 -4.27 -3.90
N LYS A 24 8.74 -5.57 -3.91
CA LYS A 24 8.39 -6.33 -2.66
C LYS A 24 9.68 -6.73 -1.94
N ASN A 25 10.44 -5.72 -1.62
CA ASN A 25 11.74 -5.88 -0.89
C ASN A 25 12.16 -4.50 -0.35
N ASP A 26 11.17 -3.66 -0.11
CA ASP A 26 11.40 -2.30 0.42
C ASP A 26 10.10 -1.82 1.05
N ARG A 27 10.15 -1.57 2.33
CA ARG A 27 8.95 -1.10 3.07
C ARG A 27 8.83 0.42 2.85
N ILE A 28 8.15 0.72 1.78
CA ILE A 28 7.89 2.11 1.33
C ILE A 28 6.95 2.80 2.34
N CYS A 29 6.67 4.06 2.10
CA CYS A 29 5.78 4.85 2.99
C CYS A 29 4.49 5.17 2.22
N THR A 30 3.45 4.46 2.57
CA THR A 30 2.12 4.65 1.91
C THR A 30 1.00 4.06 2.80
N ASN A 31 -0.22 4.20 2.38
CA ASN A 31 -1.39 3.67 3.17
C ASN A 31 -2.46 3.09 2.25
N CYS A 32 -3.12 2.07 2.75
CA CYS A 32 -4.21 1.39 1.97
C CYS A 32 -5.17 2.39 1.32
N CYS A 33 -5.54 3.40 2.07
CA CYS A 33 -6.48 4.45 1.55
C CYS A 33 -5.84 5.17 0.35
N ALA A 34 -4.60 5.55 0.49
CA ALA A 34 -3.89 6.25 -0.62
C ALA A 34 -3.78 5.33 -1.85
N GLY A 35 -3.91 4.05 -1.60
CA GLY A 35 -3.83 3.00 -2.65
C GLY A 35 -4.70 3.26 -3.90
N THR A 36 -4.62 2.36 -4.84
CA THR A 36 -5.40 2.48 -6.10
C THR A 36 -5.93 1.09 -6.54
N LYS A 37 -6.35 0.99 -7.78
CA LYS A 37 -6.88 -0.31 -8.31
C LYS A 37 -5.70 -1.23 -8.67
N GLY A 38 -5.91 -2.51 -8.49
CA GLY A 38 -4.86 -3.52 -8.80
C GLY A 38 -3.74 -3.56 -7.76
N CYS A 39 -3.60 -2.49 -7.01
CA CYS A 39 -2.53 -2.42 -5.97
C CYS A 39 -2.78 -3.43 -4.86
N LYS A 40 -1.71 -3.80 -4.20
CA LYS A 40 -1.77 -4.79 -3.09
C LYS A 40 -0.92 -4.28 -1.93
N TYR A 41 -1.60 -3.83 -0.91
CA TYR A 41 -0.97 -3.28 0.31
C TYR A 41 -0.88 -4.34 1.42
N PHE A 42 0.35 -4.65 1.78
CA PHE A 42 0.66 -5.65 2.84
C PHE A 42 1.57 -5.06 3.92
N SER A 43 1.36 -5.58 5.11
CA SER A 43 2.11 -5.19 6.32
C SER A 43 3.53 -5.74 6.33
N ASP A 44 4.18 -5.44 7.42
CA ASP A 44 5.59 -5.88 7.65
C ASP A 44 5.61 -7.24 8.36
N ASP A 45 4.46 -7.57 8.90
CA ASP A 45 4.27 -8.87 9.63
C ASP A 45 4.21 -10.04 8.63
N GLY A 46 4.37 -9.74 7.36
CA GLY A 46 4.31 -10.80 6.32
C GLY A 46 2.86 -11.28 6.22
N THR A 47 1.99 -10.31 6.07
CA THR A 47 0.55 -10.53 5.96
C THR A 47 -0.08 -9.39 5.14
N PHE A 48 -1.07 -9.76 4.38
CA PHE A 48 -1.81 -8.80 3.51
C PHE A 48 -2.85 -7.93 4.23
N VAL A 49 -2.89 -6.68 3.85
CA VAL A 49 -3.85 -5.69 4.44
C VAL A 49 -5.03 -5.39 3.50
N CYS A 50 -4.79 -4.75 2.36
CA CYS A 50 -5.93 -4.46 1.43
C CYS A 50 -5.43 -4.29 0.01
N GLU A 51 -6.33 -4.28 -0.94
CA GLU A 51 -5.94 -4.12 -2.38
C GLU A 51 -6.02 -2.64 -2.79
N GLY A 52 -5.14 -1.85 -2.22
CA GLY A 52 -5.10 -0.38 -2.53
C GLY A 52 -6.41 0.29 -2.13
N GLU A 53 -6.96 1.08 -3.04
CA GLU A 53 -8.24 1.78 -2.73
C GLU A 53 -9.12 2.03 -3.96
N SER A 54 -8.53 2.29 -5.10
CA SER A 54 -9.38 2.54 -6.31
C SER A 54 -9.75 1.23 -7.03
N MET A 1 -9.22 11.86 -5.03
CA MET A 1 -10.68 11.51 -5.06
C MET A 1 -10.87 10.07 -4.61
N LYS A 2 -11.83 9.89 -3.73
CA LYS A 2 -12.16 8.53 -3.16
C LYS A 2 -10.90 7.81 -2.67
N ALA A 3 -10.22 8.49 -1.79
CA ALA A 3 -8.97 7.99 -1.17
C ALA A 3 -8.45 8.94 -0.09
N CYS A 4 -7.86 8.35 0.92
CA CYS A 4 -7.29 9.12 2.07
C CYS A 4 -6.14 10.07 1.65
N THR A 5 -5.50 10.63 2.65
CA THR A 5 -4.37 11.58 2.47
C THR A 5 -3.13 10.94 1.81
N LEU A 6 -3.25 9.68 1.44
CA LEU A 6 -2.15 8.90 0.78
C LEU A 6 -0.96 8.64 1.74
N ASN A 7 -1.06 9.16 2.94
CA ASN A 7 -0.01 9.00 3.98
C ASN A 7 0.37 7.55 4.28
N CYS A 8 1.44 7.43 5.03
CA CYS A 8 1.96 6.09 5.42
C CYS A 8 1.18 5.56 6.64
N ASP A 9 0.70 4.35 6.52
CA ASP A 9 -0.07 3.71 7.64
C ASP A 9 0.93 2.86 8.44
N PRO A 10 1.21 3.23 9.68
CA PRO A 10 2.31 2.61 10.48
C PRO A 10 2.28 1.07 10.52
N ARG A 11 1.09 0.53 10.47
CA ARG A 11 0.93 -0.95 10.50
C ARG A 11 1.24 -1.57 9.13
N ILE A 12 0.97 -0.83 8.09
CA ILE A 12 1.24 -1.34 6.71
C ILE A 12 2.73 -1.17 6.40
N ALA A 13 3.25 -2.08 5.63
CA ALA A 13 4.70 -2.03 5.26
C ALA A 13 4.84 -1.33 3.90
N TYR A 14 4.18 -1.89 2.92
CA TYR A 14 4.24 -1.30 1.56
C TYR A 14 3.13 -1.87 0.68
N GLY A 15 3.25 -1.61 -0.60
CA GLY A 15 2.24 -2.11 -1.57
C GLY A 15 2.79 -2.09 -3.00
N VAL A 16 2.20 -2.93 -3.81
CA VAL A 16 2.62 -3.03 -5.24
C VAL A 16 1.41 -2.76 -6.14
N CYS A 17 1.68 -2.17 -7.26
CA CYS A 17 0.60 -1.84 -8.25
C CYS A 17 1.15 -2.28 -9.63
N PRO A 18 0.36 -2.19 -10.69
CA PRO A 18 0.85 -2.50 -12.08
C PRO A 18 2.15 -1.77 -12.45
N ARG A 19 2.61 -2.05 -13.65
CA ARG A 19 3.88 -1.46 -14.22
C ARG A 19 5.01 -1.40 -13.17
N SER A 20 5.05 -2.45 -12.40
CA SER A 20 6.05 -2.66 -11.30
C SER A 20 6.28 -1.41 -10.44
N GLU A 21 5.23 -1.06 -9.72
CA GLU A 21 5.25 0.11 -8.83
C GLU A 21 6.07 -0.20 -7.56
N GLU A 22 7.32 0.21 -7.61
CA GLU A 22 8.29 0.01 -6.49
C GLU A 22 8.53 -1.45 -6.09
N LYS A 23 9.76 -1.74 -5.76
CA LYS A 23 10.15 -3.13 -5.33
C LYS A 23 9.34 -3.47 -4.08
N LYS A 24 8.98 -4.72 -3.93
CA LYS A 24 8.18 -5.15 -2.76
C LYS A 24 9.11 -5.53 -1.60
N ASN A 25 9.92 -4.57 -1.20
CA ASN A 25 10.88 -4.78 -0.08
C ASN A 25 11.56 -3.47 0.39
N ASP A 26 10.89 -2.35 0.25
CA ASP A 26 11.53 -1.06 0.69
C ASP A 26 10.55 -0.10 1.38
N ARG A 27 9.73 -0.69 2.21
CA ARG A 27 8.68 0.02 3.02
C ARG A 27 8.26 1.38 2.42
N ILE A 28 7.31 1.38 1.51
CA ILE A 28 6.84 2.63 0.88
C ILE A 28 5.92 3.33 1.90
N CYS A 29 5.46 4.49 1.51
CA CYS A 29 4.55 5.30 2.37
C CYS A 29 3.16 5.29 1.74
N THR A 30 2.34 4.41 2.23
CA THR A 30 0.95 4.28 1.71
C THR A 30 0.02 3.72 2.78
N ASN A 31 -1.25 3.82 2.50
CA ASN A 31 -2.32 3.34 3.44
C ASN A 31 -3.48 2.70 2.65
N CYS A 32 -4.00 1.62 3.18
CA CYS A 32 -5.13 0.90 2.51
C CYS A 32 -6.31 1.82 2.19
N CYS A 33 -6.61 2.73 3.08
CA CYS A 33 -7.74 3.67 2.85
C CYS A 33 -7.53 4.48 1.56
N ALA A 34 -6.30 4.83 1.31
CA ALA A 34 -5.98 5.61 0.08
C ALA A 34 -6.09 4.70 -1.14
N GLY A 35 -5.15 3.77 -1.22
CA GLY A 35 -5.11 2.80 -2.34
C GLY A 35 -4.95 3.44 -3.71
N THR A 36 -4.55 2.63 -4.68
CA THR A 36 -4.36 3.13 -6.07
C THR A 36 -4.75 2.00 -7.04
N LYS A 37 -4.61 2.26 -8.32
CA LYS A 37 -4.94 1.26 -9.39
C LYS A 37 -4.66 -0.23 -9.08
N GLY A 38 -5.73 -0.91 -8.68
CA GLY A 38 -5.70 -2.37 -8.32
C GLY A 38 -4.43 -2.85 -7.61
N CYS A 39 -3.95 -2.01 -6.73
CA CYS A 39 -2.72 -2.32 -5.95
C CYS A 39 -2.95 -3.42 -4.89
N LYS A 40 -1.88 -3.77 -4.24
CA LYS A 40 -1.91 -4.81 -3.17
C LYS A 40 -1.00 -4.32 -2.03
N TYR A 41 -1.62 -3.82 -1.00
CA TYR A 41 -0.92 -3.29 0.20
C TYR A 41 -0.86 -4.35 1.32
N PHE A 42 0.36 -4.62 1.74
CA PHE A 42 0.66 -5.61 2.82
C PHE A 42 1.46 -4.98 3.96
N SER A 43 1.20 -5.52 5.14
CA SER A 43 1.86 -5.09 6.38
C SER A 43 3.29 -5.62 6.49
N ASP A 44 3.85 -5.34 7.64
CA ASP A 44 5.24 -5.74 7.97
C ASP A 44 5.33 -7.11 8.66
N ASP A 45 4.24 -7.56 9.22
CA ASP A 45 4.23 -8.88 9.92
C ASP A 45 4.16 -10.05 8.91
N GLY A 46 4.29 -9.71 7.64
CA GLY A 46 4.24 -10.72 6.56
C GLY A 46 2.80 -11.19 6.38
N THR A 47 1.94 -10.24 6.15
CA THR A 47 0.50 -10.51 5.95
C THR A 47 -0.12 -9.39 5.10
N PHE A 48 -0.96 -9.81 4.19
CA PHE A 48 -1.65 -8.86 3.26
C PHE A 48 -2.73 -8.07 4.00
N VAL A 49 -2.84 -6.82 3.66
CA VAL A 49 -3.85 -5.92 4.30
C VAL A 49 -5.02 -5.73 3.34
N CYS A 50 -4.81 -5.03 2.25
CA CYS A 50 -5.95 -4.83 1.30
C CYS A 50 -5.43 -4.34 -0.03
N GLU A 51 -6.28 -4.41 -1.03
CA GLU A 51 -5.90 -3.95 -2.39
C GLU A 51 -6.31 -2.49 -2.61
N GLY A 52 -5.37 -1.74 -3.12
CA GLY A 52 -5.61 -0.29 -3.40
C GLY A 52 -6.68 -0.11 -4.49
N GLU A 53 -7.10 1.12 -4.70
CA GLU A 53 -8.16 1.42 -5.73
C GLU A 53 -8.40 2.94 -5.70
N SER A 54 -7.40 3.65 -6.15
CA SER A 54 -7.42 5.16 -6.23
C SER A 54 -8.83 5.80 -6.29
N MET A 1 -10.81 6.06 1.27
CA MET A 1 -10.71 7.12 0.22
C MET A 1 -11.24 8.46 0.77
N LYS A 2 -11.25 9.45 -0.10
CA LYS A 2 -11.72 10.82 0.22
C LYS A 2 -11.10 11.43 1.49
N ALA A 3 -10.09 12.24 1.27
CA ALA A 3 -9.34 12.94 2.37
C ALA A 3 -8.92 11.99 3.51
N CYS A 4 -7.96 11.16 3.20
CA CYS A 4 -7.43 10.17 4.18
C CYS A 4 -6.16 10.69 4.86
N THR A 5 -5.52 9.82 5.60
CA THR A 5 -4.26 10.17 6.33
C THR A 5 -3.12 10.34 5.33
N LEU A 6 -3.12 9.50 4.34
CA LEU A 6 -2.09 9.49 3.25
C LEU A 6 -0.74 8.91 3.72
N ASN A 7 -0.36 9.20 4.93
CA ASN A 7 0.92 8.73 5.51
C ASN A 7 0.98 7.19 5.64
N CYS A 8 2.09 6.73 6.15
CA CYS A 8 2.30 5.27 6.34
C CYS A 8 1.47 4.81 7.55
N ASP A 9 0.69 3.79 7.35
CA ASP A 9 -0.16 3.26 8.47
C ASP A 9 0.65 2.17 9.21
N PRO A 10 0.66 2.19 10.53
CA PRO A 10 1.32 1.14 11.36
C PRO A 10 1.06 -0.31 10.87
N ARG A 11 -0.08 -0.51 10.28
CA ARG A 11 -0.45 -1.86 9.77
C ARG A 11 0.15 -2.12 8.37
N ILE A 12 0.27 -1.04 7.62
CA ILE A 12 0.84 -1.13 6.24
C ILE A 12 2.36 -0.92 6.24
N ALA A 13 2.98 -1.65 5.35
CA ALA A 13 4.47 -1.60 5.17
C ALA A 13 4.60 -0.94 3.81
N TYR A 14 4.07 -1.63 2.84
CA TYR A 14 4.11 -1.12 1.44
C TYR A 14 3.13 -1.91 0.58
N GLY A 15 3.29 -1.80 -0.71
CA GLY A 15 2.39 -2.53 -1.66
C GLY A 15 2.99 -2.64 -3.06
N VAL A 16 2.33 -3.43 -3.88
CA VAL A 16 2.78 -3.65 -5.29
C VAL A 16 1.54 -3.46 -6.18
N CYS A 17 1.73 -2.77 -7.28
CA CYS A 17 0.60 -2.51 -8.22
C CYS A 17 0.73 -3.35 -9.50
N PRO A 18 -0.31 -3.41 -10.30
CA PRO A 18 -0.20 -3.83 -11.72
C PRO A 18 0.97 -3.14 -12.42
N ARG A 19 1.60 -3.85 -13.32
CA ARG A 19 2.78 -3.32 -14.09
C ARG A 19 3.92 -2.92 -13.13
N SER A 20 4.28 -3.87 -12.31
CA SER A 20 5.37 -3.67 -11.31
C SER A 20 6.06 -5.04 -11.18
N GLU A 21 7.08 -5.23 -11.99
CA GLU A 21 7.83 -6.51 -11.97
C GLU A 21 8.72 -6.55 -10.72
N GLU A 22 8.15 -7.11 -9.68
CA GLU A 22 8.84 -7.25 -8.36
C GLU A 22 9.36 -5.86 -7.92
N LYS A 23 8.47 -4.91 -8.09
CA LYS A 23 8.74 -3.49 -7.73
C LYS A 23 7.65 -3.01 -6.76
N LYS A 24 8.06 -2.33 -5.72
CA LYS A 24 7.05 -1.82 -4.73
C LYS A 24 7.38 -0.34 -4.41
N ASN A 25 7.47 0.42 -5.48
CA ASN A 25 7.77 1.88 -5.42
C ASN A 25 8.71 2.30 -4.26
N ASP A 26 9.66 1.44 -3.96
CA ASP A 26 10.63 1.72 -2.85
C ASP A 26 9.87 1.96 -1.53
N ARG A 27 9.23 0.90 -1.08
CA ARG A 27 8.41 0.86 0.17
C ARG A 27 7.49 2.10 0.32
N ILE A 28 6.23 1.88 0.05
CA ILE A 28 5.21 2.97 0.15
C ILE A 28 4.97 3.37 1.60
N CYS A 29 4.31 4.50 1.72
CA CYS A 29 3.93 5.10 3.01
C CYS A 29 2.47 5.47 2.82
N THR A 30 1.63 4.45 2.91
CA THR A 30 0.17 4.66 2.72
C THR A 30 -0.66 3.92 3.80
N ASN A 31 -1.94 4.18 3.70
CA ASN A 31 -2.98 3.60 4.60
C ASN A 31 -4.13 3.10 3.71
N CYS A 32 -4.78 2.05 4.12
CA CYS A 32 -5.92 1.45 3.32
C CYS A 32 -6.87 2.53 2.77
N CYS A 33 -7.16 3.49 3.61
CA CYS A 33 -8.07 4.62 3.21
C CYS A 33 -7.47 5.38 2.03
N ALA A 34 -6.23 5.79 2.15
CA ALA A 34 -5.56 6.54 1.05
C ALA A 34 -5.46 5.61 -0.17
N GLY A 35 -4.66 4.58 -0.02
CA GLY A 35 -4.40 3.53 -1.05
C GLY A 35 -4.62 3.85 -2.54
N THR A 36 -4.90 2.80 -3.27
CA THR A 36 -5.15 2.86 -4.76
C THR A 36 -5.99 1.63 -5.19
N LYS A 37 -6.29 1.63 -6.48
CA LYS A 37 -7.09 0.55 -7.13
C LYS A 37 -6.16 -0.50 -7.75
N GLY A 38 -6.50 -1.75 -7.53
CA GLY A 38 -5.71 -2.89 -8.07
C GLY A 38 -4.40 -3.18 -7.33
N CYS A 39 -3.87 -2.20 -6.62
CA CYS A 39 -2.59 -2.43 -5.88
C CYS A 39 -2.89 -3.14 -4.55
N LYS A 40 -1.96 -3.99 -4.18
CA LYS A 40 -2.06 -4.78 -2.91
C LYS A 40 -1.02 -4.28 -1.91
N TYR A 41 -1.50 -3.76 -0.80
CA TYR A 41 -0.64 -3.23 0.27
C TYR A 41 -0.62 -4.22 1.44
N PHE A 42 0.59 -4.64 1.74
CA PHE A 42 0.86 -5.60 2.84
C PHE A 42 1.75 -5.03 3.94
N SER A 43 1.68 -5.76 5.02
CA SER A 43 2.44 -5.48 6.26
C SER A 43 3.94 -5.73 6.03
N ASP A 44 4.67 -5.48 7.08
CA ASP A 44 6.15 -5.64 7.06
C ASP A 44 6.47 -7.13 7.21
N ASP A 45 5.55 -7.81 7.86
CA ASP A 45 5.67 -9.28 8.10
C ASP A 45 5.43 -10.04 6.78
N GLY A 46 4.95 -9.33 5.79
CA GLY A 46 4.66 -9.93 4.48
C GLY A 46 3.33 -10.64 4.61
N THR A 47 2.31 -9.82 4.77
CA THR A 47 0.92 -10.30 4.93
C THR A 47 -0.03 -9.20 4.42
N PHE A 48 -0.70 -9.52 3.35
CA PHE A 48 -1.67 -8.57 2.71
C PHE A 48 -2.67 -7.96 3.71
N VAL A 49 -2.66 -6.66 3.76
CA VAL A 49 -3.59 -5.91 4.67
C VAL A 49 -4.77 -5.29 3.93
N CYS A 50 -4.53 -4.65 2.81
CA CYS A 50 -5.66 -4.02 2.05
C CYS A 50 -5.24 -3.84 0.60
N GLU A 51 -6.18 -3.82 -0.30
CA GLU A 51 -5.83 -3.64 -1.74
C GLU A 51 -6.07 -2.13 -2.01
N GLY A 52 -5.41 -1.38 -1.18
CA GLY A 52 -5.47 0.10 -1.25
C GLY A 52 -6.90 0.62 -1.05
N GLU A 53 -7.18 1.76 -1.63
CA GLU A 53 -8.54 2.34 -1.51
C GLU A 53 -9.42 1.80 -2.64
N SER A 54 -8.84 1.61 -3.81
CA SER A 54 -9.62 1.08 -4.96
C SER A 54 -11.03 1.72 -5.15
N MET A 1 -13.20 4.92 3.15
CA MET A 1 -14.11 6.04 3.53
C MET A 1 -13.84 7.29 2.68
N LYS A 2 -14.80 8.17 2.67
CA LYS A 2 -14.68 9.45 1.89
C LYS A 2 -13.60 10.31 2.54
N ALA A 3 -12.69 10.79 1.73
CA ALA A 3 -11.57 11.67 2.21
C ALA A 3 -10.81 10.97 3.36
N CYS A 4 -9.93 10.07 2.97
CA CYS A 4 -9.11 9.30 3.95
C CYS A 4 -8.24 10.19 4.85
N THR A 5 -7.71 9.55 5.86
CA THR A 5 -6.84 10.24 6.85
C THR A 5 -5.53 10.68 6.18
N LEU A 6 -5.20 9.99 5.11
CA LEU A 6 -3.98 10.22 4.28
C LEU A 6 -2.72 9.68 4.95
N ASN A 7 -2.59 9.90 6.23
CA ASN A 7 -1.41 9.43 7.00
C ASN A 7 -1.20 7.92 6.85
N CYS A 8 0.03 7.55 7.06
CA CYS A 8 0.46 6.12 6.96
C CYS A 8 -0.13 5.22 8.05
N ASP A 9 -0.53 4.05 7.63
CA ASP A 9 -1.13 3.06 8.57
C ASP A 9 0.02 2.17 9.10
N PRO A 10 0.29 2.20 10.39
CA PRO A 10 1.51 1.58 10.97
C PRO A 10 1.56 0.07 10.70
N ARG A 11 0.41 -0.50 10.45
CA ARG A 11 0.33 -1.97 10.16
C ARG A 11 0.85 -2.21 8.75
N ILE A 12 0.53 -1.29 7.86
CA ILE A 12 0.98 -1.40 6.44
C ILE A 12 2.45 -1.06 6.27
N ALA A 13 3.05 -1.82 5.39
CA ALA A 13 4.49 -1.69 5.05
C ALA A 13 4.65 -1.07 3.66
N TYR A 14 4.12 -1.76 2.68
CA TYR A 14 4.20 -1.28 1.28
C TYR A 14 3.09 -1.87 0.43
N GLY A 15 3.07 -1.51 -0.82
CA GLY A 15 2.03 -2.01 -1.75
C GLY A 15 2.60 -2.26 -3.15
N VAL A 16 1.96 -3.16 -3.86
CA VAL A 16 2.42 -3.50 -5.25
C VAL A 16 1.25 -3.76 -6.22
N CYS A 17 1.31 -3.06 -7.32
CA CYS A 17 0.28 -3.15 -8.40
C CYS A 17 0.90 -3.79 -9.67
N PRO A 18 0.17 -4.64 -10.34
CA PRO A 18 0.67 -5.37 -11.55
C PRO A 18 0.94 -4.41 -12.71
N ARG A 19 1.99 -4.71 -13.43
CA ARG A 19 2.43 -3.89 -14.62
C ARG A 19 2.49 -2.39 -14.31
N SER A 20 2.80 -2.10 -13.07
CA SER A 20 2.90 -0.70 -12.58
C SER A 20 3.89 -0.74 -11.41
N GLU A 21 5.11 -0.43 -11.74
CA GLU A 21 6.28 -0.39 -10.78
C GLU A 21 6.70 -1.84 -10.48
N GLU A 22 5.84 -2.56 -9.81
CA GLU A 22 6.11 -3.99 -9.43
C GLU A 22 7.48 -4.15 -8.76
N LYS A 23 7.56 -3.62 -7.57
CA LYS A 23 8.80 -3.66 -6.76
C LYS A 23 8.40 -3.59 -5.28
N LYS A 24 9.06 -4.39 -4.48
CA LYS A 24 8.78 -4.41 -3.01
C LYS A 24 10.07 -4.67 -2.23
N ASN A 25 10.69 -3.57 -1.86
CA ASN A 25 11.96 -3.59 -1.10
C ASN A 25 12.15 -2.21 -0.44
N ASP A 26 11.03 -1.59 -0.18
CA ASP A 26 11.00 -0.25 0.46
C ASP A 26 9.65 -0.18 1.18
N ARG A 27 9.70 -0.19 2.50
CA ARG A 27 8.45 -0.13 3.30
C ARG A 27 8.04 1.34 3.40
N ILE A 28 7.37 1.80 2.36
CA ILE A 28 6.90 3.21 2.29
C ILE A 28 5.90 3.50 3.43
N CYS A 29 5.58 4.77 3.55
CA CYS A 29 4.64 5.26 4.59
C CYS A 29 3.29 5.51 3.88
N THR A 30 2.36 4.60 4.06
CA THR A 30 1.01 4.73 3.42
C THR A 30 -0.04 3.89 4.16
N ASN A 31 -1.29 4.16 3.85
CA ASN A 31 -2.44 3.44 4.47
C ASN A 31 -3.36 2.82 3.41
N CYS A 32 -4.16 1.88 3.85
CA CYS A 32 -5.13 1.18 2.97
C CYS A 32 -6.18 2.09 2.34
N CYS A 33 -6.79 2.91 3.16
CA CYS A 33 -7.84 3.84 2.64
C CYS A 33 -7.27 4.74 1.53
N ALA A 34 -6.16 5.36 1.82
CA ALA A 34 -5.50 6.25 0.81
C ALA A 34 -4.93 5.40 -0.33
N GLY A 35 -4.73 4.13 -0.02
CA GLY A 35 -4.18 3.14 -1.00
C GLY A 35 -4.89 3.21 -2.35
N THR A 36 -4.19 2.79 -3.39
CA THR A 36 -4.78 2.81 -4.75
C THR A 36 -5.47 1.49 -5.09
N LYS A 37 -6.11 1.52 -6.23
CA LYS A 37 -6.86 0.34 -6.75
C LYS A 37 -5.86 -0.47 -7.61
N GLY A 38 -5.97 -1.76 -7.53
CA GLY A 38 -5.07 -2.66 -8.31
C GLY A 38 -3.85 -3.02 -7.46
N CYS A 39 -3.36 -2.05 -6.73
CA CYS A 39 -2.17 -2.26 -5.86
C CYS A 39 -2.62 -3.09 -4.66
N LYS A 40 -1.68 -3.82 -4.13
CA LYS A 40 -1.94 -4.72 -2.95
C LYS A 40 -1.03 -4.27 -1.81
N TYR A 41 -1.62 -3.69 -0.80
CA TYR A 41 -0.86 -3.20 0.38
C TYR A 41 -0.77 -4.23 1.51
N PHE A 42 0.46 -4.63 1.77
CA PHE A 42 0.80 -5.62 2.82
C PHE A 42 1.64 -4.99 3.93
N SER A 43 1.48 -5.60 5.09
CA SER A 43 2.17 -5.22 6.34
C SER A 43 3.67 -5.54 6.33
N ASP A 44 4.26 -5.20 7.44
CA ASP A 44 5.73 -5.40 7.68
C ASP A 44 6.02 -6.84 8.12
N ASP A 45 5.16 -7.34 8.97
CA ASP A 45 5.32 -8.73 9.49
C ASP A 45 5.04 -9.80 8.41
N GLY A 46 4.71 -9.34 7.23
CA GLY A 46 4.42 -10.24 6.10
C GLY A 46 2.98 -10.76 6.22
N THR A 47 2.07 -9.83 6.11
CA THR A 47 0.63 -10.13 6.20
C THR A 47 -0.15 -9.05 5.42
N PHE A 48 -0.72 -9.50 4.33
CA PHE A 48 -1.52 -8.61 3.44
C PHE A 48 -2.64 -7.87 4.18
N VAL A 49 -2.77 -6.60 3.90
CA VAL A 49 -3.82 -5.75 4.54
C VAL A 49 -4.96 -5.49 3.55
N CYS A 50 -4.74 -4.78 2.48
CA CYS A 50 -5.89 -4.54 1.52
C CYS A 50 -5.34 -4.02 0.19
N GLU A 51 -6.13 -4.15 -0.87
CA GLU A 51 -5.66 -3.66 -2.20
C GLU A 51 -6.17 -2.24 -2.44
N GLY A 52 -5.85 -1.39 -1.49
CA GLY A 52 -6.24 0.06 -1.49
C GLY A 52 -7.60 0.30 -2.16
N GLU A 53 -7.65 1.33 -2.98
CA GLU A 53 -8.84 1.80 -3.77
C GLU A 53 -8.84 3.33 -3.86
N SER A 54 -7.92 3.86 -4.62
CA SER A 54 -7.86 5.35 -4.77
C SER A 54 -9.16 5.88 -5.40
N MET A 1 -17.51 6.83 0.96
CA MET A 1 -16.26 7.22 1.69
C MET A 1 -15.60 8.40 0.99
N LYS A 2 -15.38 9.45 1.76
CA LYS A 2 -14.74 10.69 1.25
C LYS A 2 -13.30 10.43 0.77
N ALA A 3 -12.81 11.34 -0.05
CA ALA A 3 -11.44 11.24 -0.61
C ALA A 3 -10.39 10.83 0.44
N CYS A 4 -9.52 9.94 0.06
CA CYS A 4 -8.46 9.46 0.98
C CYS A 4 -7.50 10.58 1.41
N THR A 5 -6.85 10.34 2.52
CA THR A 5 -5.88 11.30 3.10
C THR A 5 -4.51 11.00 2.48
N LEU A 6 -3.47 11.46 3.13
CA LEU A 6 -2.07 11.26 2.64
C LEU A 6 -1.19 10.74 3.80
N ASN A 7 -1.83 10.43 4.90
CA ASN A 7 -1.14 9.93 6.10
C ASN A 7 -0.37 8.62 5.85
N CYS A 8 0.21 8.11 6.91
CA CYS A 8 1.00 6.84 6.85
C CYS A 8 0.10 5.87 7.65
N ASP A 9 0.20 4.62 7.34
CA ASP A 9 -0.62 3.58 8.06
C ASP A 9 0.32 2.51 8.67
N PRO A 10 0.47 2.51 9.98
CA PRO A 10 1.53 1.73 10.68
C PRO A 10 1.42 0.22 10.46
N ARG A 11 0.21 -0.22 10.22
CA ARG A 11 -0.02 -1.68 9.98
C ARG A 11 0.49 -2.06 8.58
N ILE A 12 0.45 -1.09 7.70
CA ILE A 12 0.90 -1.30 6.30
C ILE A 12 2.40 -1.01 6.19
N ALA A 13 3.04 -1.85 5.43
CA ALA A 13 4.50 -1.73 5.20
C ALA A 13 4.66 -1.06 3.85
N TYR A 14 4.07 -1.68 2.86
CA TYR A 14 4.13 -1.16 1.47
C TYR A 14 3.10 -1.87 0.61
N GLY A 15 3.27 -1.72 -0.68
CA GLY A 15 2.32 -2.36 -1.62
C GLY A 15 2.85 -2.37 -3.06
N VAL A 16 2.20 -3.17 -3.85
CA VAL A 16 2.56 -3.31 -5.30
C VAL A 16 1.32 -3.08 -6.18
N CYS A 17 1.48 -2.16 -7.10
CA CYS A 17 0.39 -1.80 -8.05
C CYS A 17 0.77 -2.19 -9.49
N PRO A 18 -0.18 -2.15 -10.41
CA PRO A 18 0.11 -2.03 -11.86
C PRO A 18 0.92 -0.75 -12.11
N ARG A 19 1.77 -0.80 -13.11
CA ARG A 19 2.64 0.38 -13.47
C ARG A 19 3.45 0.82 -12.23
N SER A 20 3.88 -0.17 -11.51
CA SER A 20 4.68 -0.03 -10.27
C SER A 20 5.33 -1.40 -10.10
N GLU A 21 6.61 -1.41 -10.27
CA GLU A 21 7.41 -2.67 -10.14
C GLU A 21 7.51 -3.08 -8.66
N GLU A 22 8.65 -2.99 -8.04
CA GLU A 22 8.79 -3.39 -6.59
C GLU A 22 8.51 -4.89 -6.37
N LYS A 23 9.52 -5.62 -5.99
CA LYS A 23 9.36 -7.07 -5.74
C LYS A 23 8.43 -7.22 -4.51
N LYS A 24 9.03 -7.13 -3.34
CA LYS A 24 8.27 -7.24 -2.06
C LYS A 24 9.36 -7.09 -0.97
N ASN A 25 10.01 -5.94 -1.00
CA ASN A 25 11.09 -5.65 -0.01
C ASN A 25 11.45 -4.15 -0.03
N ASP A 26 10.45 -3.35 0.25
CA ASP A 26 10.60 -1.87 0.29
C ASP A 26 9.45 -1.37 1.17
N ARG A 27 9.77 -0.93 2.36
CA ARG A 27 8.75 -0.43 3.31
C ARG A 27 8.58 1.08 3.16
N ILE A 28 7.47 1.36 2.54
CA ILE A 28 6.98 2.72 2.24
C ILE A 28 6.19 3.15 3.51
N CYS A 29 5.51 4.27 3.43
CA CYS A 29 4.71 4.78 4.59
C CYS A 29 3.53 5.54 3.96
N THR A 30 2.43 4.84 3.81
CA THR A 30 1.19 5.43 3.21
C THR A 30 -0.04 4.72 3.80
N ASN A 31 -1.20 4.97 3.24
CA ASN A 31 -2.47 4.35 3.74
C ASN A 31 -3.08 3.40 2.70
N CYS A 32 -4.01 2.60 3.18
CA CYS A 32 -4.72 1.63 2.30
C CYS A 32 -5.53 2.39 1.24
N CYS A 33 -6.37 3.26 1.74
CA CYS A 33 -7.25 4.10 0.87
C CYS A 33 -6.39 4.91 -0.10
N ALA A 34 -5.37 5.52 0.45
CA ALA A 34 -4.42 6.37 -0.34
C ALA A 34 -3.82 5.57 -1.51
N GLY A 35 -3.64 4.29 -1.31
CA GLY A 35 -3.07 3.40 -2.35
C GLY A 35 -3.82 3.52 -3.68
N THR A 36 -3.19 3.15 -4.77
CA THR A 36 -3.87 3.26 -6.09
C THR A 36 -4.77 2.03 -6.34
N LYS A 37 -5.51 2.09 -7.42
CA LYS A 37 -6.43 0.97 -7.78
C LYS A 37 -5.68 -0.26 -8.28
N GLY A 38 -6.18 -1.42 -7.91
CA GLY A 38 -5.56 -2.72 -8.32
C GLY A 38 -4.31 -3.07 -7.51
N CYS A 39 -3.92 -2.19 -6.63
CA CYS A 39 -2.71 -2.43 -5.78
C CYS A 39 -2.89 -3.56 -4.76
N LYS A 40 -1.81 -3.84 -4.07
CA LYS A 40 -1.80 -4.91 -3.03
C LYS A 40 -0.90 -4.39 -1.92
N TYR A 41 -1.52 -3.81 -0.92
CA TYR A 41 -0.80 -3.25 0.24
C TYR A 41 -0.71 -4.26 1.39
N PHE A 42 0.50 -4.62 1.72
CA PHE A 42 0.79 -5.60 2.80
C PHE A 42 1.70 -5.05 3.90
N SER A 43 1.57 -5.72 5.01
CA SER A 43 2.33 -5.44 6.26
C SER A 43 3.81 -5.83 6.06
N ASP A 44 4.55 -5.61 7.12
CA ASP A 44 6.01 -5.92 7.12
C ASP A 44 6.28 -7.37 7.54
N ASP A 45 5.43 -7.86 8.40
CA ASP A 45 5.57 -9.26 8.91
C ASP A 45 5.18 -10.29 7.81
N GLY A 46 4.76 -9.78 6.68
CA GLY A 46 4.36 -10.63 5.54
C GLY A 46 2.90 -11.07 5.70
N THR A 47 2.03 -10.10 5.66
CA THR A 47 0.58 -10.33 5.79
C THR A 47 -0.20 -9.22 5.07
N PHE A 48 -0.88 -9.62 4.04
CA PHE A 48 -1.71 -8.69 3.21
C PHE A 48 -2.70 -7.89 4.07
N VAL A 49 -2.72 -6.61 3.84
CA VAL A 49 -3.65 -5.71 4.60
C VAL A 49 -4.84 -5.36 3.72
N CYS A 50 -4.60 -4.82 2.55
CA CYS A 50 -5.74 -4.46 1.65
C CYS A 50 -5.17 -4.22 0.26
N GLU A 51 -6.06 -3.79 -0.59
CA GLU A 51 -5.71 -3.48 -2.01
C GLU A 51 -6.01 -1.99 -2.12
N GLY A 52 -5.10 -1.25 -2.69
CA GLY A 52 -5.29 0.23 -2.84
C GLY A 52 -6.60 0.59 -3.58
N GLU A 53 -6.87 1.86 -3.68
CA GLU A 53 -8.13 2.34 -4.35
C GLU A 53 -8.00 3.82 -4.74
N SER A 54 -6.94 4.11 -5.47
CA SER A 54 -6.61 5.49 -5.97
C SER A 54 -5.98 6.33 -4.84
N MET A 1 1.78 8.97 -7.49
CA MET A 1 0.42 9.13 -8.06
C MET A 1 -0.51 9.81 -7.05
N LYS A 2 -1.56 10.41 -7.55
CA LYS A 2 -2.54 11.11 -6.66
C LYS A 2 -3.29 10.07 -5.82
N ALA A 3 -3.49 10.41 -4.58
CA ALA A 3 -4.18 9.56 -3.57
C ALA A 3 -4.21 10.30 -2.25
N CYS A 4 -4.85 9.66 -1.29
CA CYS A 4 -5.01 10.18 0.12
C CYS A 4 -3.84 10.97 0.76
N THR A 5 -4.01 11.27 2.02
CA THR A 5 -3.01 12.04 2.83
C THR A 5 -1.56 11.52 2.70
N LEU A 6 -1.39 10.36 2.10
CA LEU A 6 -0.07 9.70 1.88
C LEU A 6 0.55 9.19 3.18
N ASN A 7 -0.13 9.44 4.27
CA ASN A 7 0.34 9.02 5.61
C ASN A 7 0.63 7.52 5.70
N CYS A 8 1.26 7.18 6.78
CA CYS A 8 1.63 5.76 7.06
C CYS A 8 0.66 5.18 8.08
N ASP A 9 0.14 4.03 7.76
CA ASP A 9 -0.82 3.35 8.68
C ASP A 9 0.04 2.53 9.65
N PRO A 10 -0.27 2.59 10.94
CA PRO A 10 0.58 1.97 12.01
C PRO A 10 1.02 0.51 11.79
N ARG A 11 0.41 -0.18 10.86
CA ARG A 11 0.78 -1.60 10.61
C ARG A 11 1.03 -1.93 9.12
N ILE A 12 0.90 -0.94 8.27
CA ILE A 12 1.13 -1.14 6.79
C ILE A 12 2.64 -1.00 6.52
N ALA A 13 3.11 -1.76 5.57
CA ALA A 13 4.56 -1.72 5.19
C ALA A 13 4.71 -1.08 3.81
N TYR A 14 4.09 -1.71 2.83
CA TYR A 14 4.17 -1.18 1.44
C TYR A 14 3.10 -1.82 0.55
N GLY A 15 3.26 -1.62 -0.74
CA GLY A 15 2.30 -2.17 -1.73
C GLY A 15 2.91 -2.24 -3.13
N VAL A 16 2.36 -3.12 -3.92
CA VAL A 16 2.81 -3.33 -5.33
C VAL A 16 1.61 -3.41 -6.28
N CYS A 17 1.82 -2.92 -7.48
CA CYS A 17 0.74 -2.93 -8.52
C CYS A 17 1.36 -3.54 -9.81
N PRO A 18 0.54 -3.88 -10.79
CA PRO A 18 1.01 -4.55 -12.05
C PRO A 18 2.24 -3.88 -12.66
N ARG A 19 3.09 -4.70 -13.26
CA ARG A 19 4.36 -4.21 -13.89
C ARG A 19 5.26 -3.54 -12.82
N SER A 20 5.13 -4.06 -11.63
CA SER A 20 5.88 -3.62 -10.42
C SER A 20 5.90 -2.10 -10.20
N GLU A 21 4.94 -1.66 -9.42
CA GLU A 21 4.77 -0.24 -9.07
C GLU A 21 5.07 -0.09 -7.58
N GLU A 22 5.74 0.99 -7.27
CA GLU A 22 6.15 1.33 -5.86
C GLU A 22 7.15 0.29 -5.33
N LYS A 23 8.06 0.75 -4.49
CA LYS A 23 9.10 -0.14 -3.90
C LYS A 23 8.54 -1.41 -3.24
N LYS A 24 9.35 -2.43 -3.27
CA LYS A 24 8.98 -3.76 -2.68
C LYS A 24 10.29 -4.39 -2.17
N ASN A 25 10.95 -3.60 -1.37
CA ASN A 25 12.26 -3.98 -0.74
C ASN A 25 12.64 -2.82 0.21
N ASP A 26 11.63 -2.23 0.79
CA ASP A 26 11.81 -1.09 1.72
C ASP A 26 10.46 -0.91 2.42
N ARG A 27 10.50 -0.90 3.72
CA ARG A 27 9.27 -0.73 4.53
C ARG A 27 8.94 0.77 4.40
N ILE A 28 8.18 1.05 3.37
CA ILE A 28 7.77 2.44 3.07
C ILE A 28 6.82 2.92 4.21
N CYS A 29 6.46 4.17 4.13
CA CYS A 29 5.55 4.79 5.13
C CYS A 29 4.28 5.20 4.36
N THR A 30 3.44 4.23 4.15
CA THR A 30 2.15 4.44 3.40
C THR A 30 0.96 3.77 4.12
N ASN A 31 -0.23 4.01 3.61
CA ASN A 31 -1.46 3.42 4.22
C ASN A 31 -2.30 2.77 3.12
N CYS A 32 -3.46 2.26 3.48
CA CYS A 32 -4.33 1.59 2.47
C CYS A 32 -4.84 2.52 1.34
N CYS A 33 -5.51 3.59 1.70
CA CYS A 33 -6.04 4.54 0.68
C CYS A 33 -4.95 5.25 -0.13
N ALA A 34 -3.75 5.27 0.41
CA ALA A 34 -2.60 5.94 -0.28
C ALA A 34 -2.41 5.17 -1.59
N GLY A 35 -2.62 3.87 -1.47
CA GLY A 35 -2.49 2.94 -2.61
C GLY A 35 -3.58 3.24 -3.67
N THR A 36 -3.55 2.51 -4.75
CA THR A 36 -4.56 2.74 -5.84
C THR A 36 -5.20 1.39 -6.24
N LYS A 37 -6.13 1.47 -7.16
CA LYS A 37 -6.85 0.26 -7.67
C LYS A 37 -5.91 -0.79 -8.27
N GLY A 38 -6.25 -2.02 -8.00
CA GLY A 38 -5.45 -3.18 -8.50
C GLY A 38 -4.18 -3.44 -7.68
N CYS A 39 -3.74 -2.44 -6.94
CA CYS A 39 -2.52 -2.59 -6.11
C CYS A 39 -2.83 -3.31 -4.79
N LYS A 40 -1.89 -4.10 -4.35
CA LYS A 40 -2.02 -4.87 -3.08
C LYS A 40 -1.05 -4.29 -2.05
N TYR A 41 -1.60 -3.86 -0.94
CA TYR A 41 -0.80 -3.26 0.17
C TYR A 41 -0.80 -4.23 1.35
N PHE A 42 0.41 -4.56 1.73
CA PHE A 42 0.69 -5.49 2.85
C PHE A 42 1.54 -4.89 3.96
N SER A 43 1.37 -5.53 5.09
CA SER A 43 2.07 -5.18 6.35
C SER A 43 3.52 -5.61 6.28
N ASP A 44 4.15 -5.45 7.41
CA ASP A 44 5.60 -5.80 7.56
C ASP A 44 5.81 -7.26 7.96
N ASP A 45 4.83 -7.82 8.61
CA ASP A 45 4.93 -9.25 9.06
C ASP A 45 4.83 -10.18 7.83
N GLY A 46 4.55 -9.59 6.70
CA GLY A 46 4.43 -10.34 5.43
C GLY A 46 3.01 -10.91 5.35
N THR A 47 2.06 -10.01 5.29
CA THR A 47 0.64 -10.38 5.22
C THR A 47 -0.16 -9.25 4.53
N PHE A 48 -0.92 -9.65 3.53
CA PHE A 48 -1.76 -8.69 2.76
C PHE A 48 -2.81 -8.03 3.66
N VAL A 49 -2.85 -6.72 3.62
CA VAL A 49 -3.84 -5.97 4.46
C VAL A 49 -5.02 -5.47 3.62
N CYS A 50 -4.75 -4.76 2.56
CA CYS A 50 -5.89 -4.24 1.72
C CYS A 50 -5.39 -4.02 0.30
N GLU A 51 -6.30 -4.12 -0.63
CA GLU A 51 -5.95 -3.90 -2.06
C GLU A 51 -6.41 -2.46 -2.30
N GLY A 52 -5.48 -1.60 -2.61
CA GLY A 52 -5.81 -0.17 -2.88
C GLY A 52 -6.97 -0.03 -3.87
N GLU A 53 -7.61 1.10 -3.83
CA GLU A 53 -8.76 1.40 -4.73
C GLU A 53 -8.89 2.91 -4.71
N SER A 54 -7.80 3.50 -5.14
CA SER A 54 -7.61 4.98 -5.25
C SER A 54 -7.32 5.61 -3.86
N MET A 1 -10.12 16.84 -6.34
CA MET A 1 -10.62 15.45 -6.55
C MET A 1 -10.30 14.58 -5.32
N LYS A 2 -10.36 15.21 -4.17
CA LYS A 2 -10.08 14.54 -2.85
C LYS A 2 -8.66 13.96 -2.77
N ALA A 3 -8.33 13.51 -1.58
CA ALA A 3 -7.00 12.91 -1.31
C ALA A 3 -6.96 12.34 0.10
N CYS A 4 -6.40 11.16 0.21
CA CYS A 4 -6.28 10.46 1.52
C CYS A 4 -5.25 11.11 2.45
N THR A 5 -5.23 10.64 3.66
CA THR A 5 -4.28 11.13 4.69
C THR A 5 -2.89 10.67 4.28
N LEU A 6 -2.07 11.66 4.03
CA LEU A 6 -0.66 11.43 3.60
C LEU A 6 0.10 10.58 4.63
N ASN A 7 -0.42 10.51 5.83
CA ASN A 7 0.21 9.74 6.92
C ASN A 7 0.28 8.24 6.60
N CYS A 8 1.16 7.60 7.32
CA CYS A 8 1.40 6.14 7.19
C CYS A 8 0.59 5.33 8.20
N ASP A 9 -0.06 4.31 7.72
CA ASP A 9 -0.89 3.44 8.63
C ASP A 9 0.13 2.56 9.39
N PRO A 10 0.24 2.71 10.70
CA PRO A 10 1.33 2.12 11.54
C PRO A 10 1.15 0.60 11.78
N ARG A 11 1.01 -0.07 10.69
CA ARG A 11 0.82 -1.53 10.59
C ARG A 11 1.08 -1.95 9.12
N ILE A 12 0.76 -1.08 8.19
CA ILE A 12 0.99 -1.41 6.74
C ILE A 12 2.44 -1.07 6.41
N ALA A 13 3.02 -1.87 5.54
CA ALA A 13 4.44 -1.64 5.13
C ALA A 13 4.49 -0.96 3.77
N TYR A 14 3.93 -1.63 2.79
CA TYR A 14 3.93 -1.06 1.40
C TYR A 14 2.93 -1.83 0.56
N GLY A 15 2.92 -1.58 -0.72
CA GLY A 15 1.98 -2.30 -1.61
C GLY A 15 2.48 -2.34 -3.04
N VAL A 16 2.04 -3.35 -3.74
CA VAL A 16 2.44 -3.55 -5.17
C VAL A 16 1.28 -3.23 -6.10
N CYS A 17 1.49 -2.19 -6.89
CA CYS A 17 0.45 -1.74 -7.87
C CYS A 17 0.91 -2.14 -9.29
N PRO A 18 -0.02 -2.35 -10.19
CA PRO A 18 0.30 -2.78 -11.58
C PRO A 18 1.09 -1.72 -12.37
N ARG A 19 2.16 -2.17 -12.96
CA ARG A 19 3.07 -1.30 -13.78
C ARG A 19 3.50 0.02 -13.09
N SER A 20 3.64 -0.04 -11.79
CA SER A 20 4.04 1.18 -11.01
C SER A 20 5.54 1.08 -10.64
N GLU A 21 6.32 0.90 -11.67
CA GLU A 21 7.81 0.78 -11.58
C GLU A 21 8.32 -0.46 -10.83
N GLU A 22 7.46 -1.12 -10.08
CA GLU A 22 7.87 -2.34 -9.30
C GLU A 22 9.06 -1.99 -8.38
N LYS A 23 8.88 -0.84 -7.77
CA LYS A 23 9.88 -0.26 -6.83
C LYS A 23 9.41 -0.46 -5.37
N LYS A 24 8.17 -0.87 -5.23
CA LYS A 24 7.57 -1.10 -3.88
C LYS A 24 8.08 -2.46 -3.36
N ASN A 25 9.29 -2.45 -2.88
CA ASN A 25 9.94 -3.67 -2.34
C ASN A 25 10.83 -3.36 -1.13
N ASP A 26 10.52 -2.28 -0.43
CA ASP A 26 11.35 -1.91 0.76
C ASP A 26 10.57 -1.11 1.82
N ARG A 27 9.38 -1.59 2.08
CA ARG A 27 8.42 -1.01 3.07
C ARG A 27 8.51 0.53 3.25
N ILE A 28 7.65 1.22 2.56
CA ILE A 28 7.59 2.69 2.60
C ILE A 28 6.73 3.04 3.84
N CYS A 29 6.38 4.30 3.92
CA CYS A 29 5.55 4.82 5.04
C CYS A 29 4.27 5.30 4.32
N THR A 30 3.26 4.49 4.37
CA THR A 30 1.96 4.82 3.71
C THR A 30 0.78 4.07 4.35
N ASN A 31 -0.41 4.41 3.88
CA ASN A 31 -1.67 3.79 4.37
C ASN A 31 -2.48 3.22 3.19
N CYS A 32 -3.40 2.33 3.51
CA CYS A 32 -4.25 1.69 2.48
C CYS A 32 -5.04 2.70 1.63
N CYS A 33 -5.62 3.67 2.28
CA CYS A 33 -6.41 4.72 1.54
C CYS A 33 -5.53 5.38 0.48
N ALA A 34 -4.36 5.81 0.90
CA ALA A 34 -3.41 6.48 -0.05
C ALA A 34 -3.10 5.54 -1.22
N GLY A 35 -3.01 4.26 -0.90
CA GLY A 35 -2.73 3.23 -1.92
C GLY A 35 -3.78 3.28 -3.03
N THR A 36 -3.46 2.77 -4.19
CA THR A 36 -4.46 2.80 -5.32
C THR A 36 -5.24 1.49 -5.43
N LYS A 37 -6.20 1.48 -6.31
CA LYS A 37 -7.05 0.27 -6.53
C LYS A 37 -6.23 -0.68 -7.44
N GLY A 38 -6.40 -1.96 -7.25
CA GLY A 38 -5.66 -2.97 -8.07
C GLY A 38 -4.37 -3.36 -7.36
N CYS A 39 -3.90 -2.45 -6.54
CA CYS A 39 -2.65 -2.63 -5.74
C CYS A 39 -2.80 -3.75 -4.70
N LYS A 40 -1.71 -4.00 -4.02
CA LYS A 40 -1.69 -5.05 -2.97
C LYS A 40 -0.86 -4.52 -1.79
N TYR A 41 -1.51 -3.81 -0.90
CA TYR A 41 -0.82 -3.23 0.29
C TYR A 41 -0.77 -4.20 1.46
N PHE A 42 0.43 -4.63 1.75
CA PHE A 42 0.73 -5.58 2.84
C PHE A 42 1.59 -4.96 3.96
N SER A 43 1.37 -5.51 5.13
CA SER A 43 2.08 -5.12 6.37
C SER A 43 3.58 -5.45 6.33
N ASP A 44 4.18 -5.14 7.44
CA ASP A 44 5.66 -5.37 7.64
C ASP A 44 5.89 -6.86 7.92
N ASP A 45 4.90 -7.45 8.54
CA ASP A 45 4.95 -8.90 8.89
C ASP A 45 4.90 -9.76 7.62
N GLY A 46 4.61 -9.13 6.51
CA GLY A 46 4.51 -9.82 5.21
C GLY A 46 3.17 -10.54 5.20
N THR A 47 2.14 -9.73 5.19
CA THR A 47 0.75 -10.21 5.18
C THR A 47 -0.13 -9.14 4.53
N PHE A 48 -0.80 -9.56 3.49
CA PHE A 48 -1.73 -8.67 2.72
C PHE A 48 -2.80 -8.03 3.60
N VAL A 49 -2.84 -6.72 3.54
CA VAL A 49 -3.85 -5.93 4.34
C VAL A 49 -4.99 -5.46 3.43
N CYS A 50 -4.68 -4.87 2.30
CA CYS A 50 -5.75 -4.38 1.39
C CYS A 50 -5.15 -4.20 0.00
N GLU A 51 -5.96 -3.69 -0.88
CA GLU A 51 -5.55 -3.43 -2.30
C GLU A 51 -5.66 -1.90 -2.48
N GLY A 52 -4.92 -1.21 -1.64
CA GLY A 52 -4.90 0.28 -1.66
C GLY A 52 -6.34 0.81 -1.67
N GLU A 53 -6.60 1.71 -2.59
CA GLU A 53 -7.93 2.39 -2.81
C GLU A 53 -7.67 3.84 -3.23
N SER A 54 -7.26 3.98 -4.46
CA SER A 54 -6.94 5.31 -5.08
C SER A 54 -6.01 6.20 -4.22
N MET A 1 -13.97 9.36 -2.24
CA MET A 1 -12.51 9.39 -1.93
C MET A 1 -11.98 10.83 -1.84
N LYS A 2 -10.95 10.98 -1.06
CA LYS A 2 -10.29 12.30 -0.85
C LYS A 2 -8.77 12.07 -0.80
N ALA A 3 -8.04 13.01 -1.34
CA ALA A 3 -6.55 12.94 -1.38
C ALA A 3 -5.93 12.47 -0.05
N CYS A 4 -5.52 11.23 -0.04
CA CYS A 4 -4.89 10.61 1.17
C CYS A 4 -3.45 11.09 1.36
N THR A 5 -2.95 10.82 2.54
CA THR A 5 -1.58 11.21 2.91
C THR A 5 -0.68 10.06 2.43
N LEU A 6 0.19 10.40 1.52
CA LEU A 6 1.14 9.40 0.93
C LEU A 6 2.08 8.76 1.98
N ASN A 7 2.03 9.27 3.19
CA ASN A 7 2.86 8.76 4.30
C ASN A 7 2.58 7.29 4.64
N CYS A 8 3.40 6.80 5.53
CA CYS A 8 3.32 5.39 6.03
C CYS A 8 1.99 5.17 6.75
N ASP A 9 1.55 3.94 6.68
CA ASP A 9 0.27 3.53 7.34
C ASP A 9 0.71 2.76 8.61
N PRO A 10 0.17 3.12 9.76
CA PRO A 10 0.62 2.55 11.07
C PRO A 10 0.67 1.01 11.15
N ARG A 11 0.17 0.32 10.15
CA ARG A 11 0.20 -1.18 10.18
C ARG A 11 0.63 -1.79 8.84
N ILE A 12 0.87 -0.96 7.83
CA ILE A 12 1.29 -1.51 6.50
C ILE A 12 2.79 -1.28 6.27
N ALA A 13 3.37 -2.16 5.50
CA ALA A 13 4.82 -2.07 5.17
C ALA A 13 4.90 -1.31 3.85
N TYR A 14 4.23 -1.86 2.86
CA TYR A 14 4.22 -1.23 1.50
C TYR A 14 3.11 -1.85 0.66
N GLY A 15 3.13 -1.56 -0.61
CA GLY A 15 2.09 -2.11 -1.54
C GLY A 15 2.59 -2.08 -2.97
N VAL A 16 2.05 -2.98 -3.76
CA VAL A 16 2.46 -3.08 -5.21
C VAL A 16 1.24 -3.03 -6.14
N CYS A 17 1.36 -2.19 -7.14
CA CYS A 17 0.27 -1.99 -8.16
C CYS A 17 0.82 -2.42 -9.55
N PRO A 18 -0.06 -2.68 -10.50
CA PRO A 18 0.33 -3.21 -11.83
C PRO A 18 1.18 -2.18 -12.61
N ARG A 19 2.32 -2.65 -13.06
CA ARG A 19 3.29 -1.82 -13.85
C ARG A 19 3.59 -0.46 -13.19
N SER A 20 3.55 -0.44 -11.89
CA SER A 20 3.83 0.82 -11.13
C SER A 20 5.34 0.87 -10.84
N GLU A 21 6.07 0.73 -11.92
CA GLU A 21 7.57 0.74 -11.89
C GLU A 21 8.12 -0.12 -10.72
N GLU A 22 7.39 -1.17 -10.44
CA GLU A 22 7.73 -2.15 -9.35
C GLU A 22 7.71 -1.32 -8.03
N LYS A 23 6.61 -1.40 -7.34
CA LYS A 23 6.42 -0.65 -6.05
C LYS A 23 6.77 -1.41 -4.75
N LYS A 24 8.04 -1.71 -4.58
CA LYS A 24 8.50 -2.44 -3.35
C LYS A 24 10.02 -2.33 -3.37
N ASN A 25 10.53 -1.72 -2.33
CA ASN A 25 12.00 -1.53 -2.19
C ASN A 25 12.32 -1.50 -0.69
N ASP A 26 12.29 -2.68 -0.11
CA ASP A 26 12.57 -2.86 1.35
C ASP A 26 11.66 -1.93 2.17
N ARG A 27 10.40 -2.29 2.13
CA ARG A 27 9.30 -1.55 2.83
C ARG A 27 9.35 -0.03 2.68
N ILE A 28 8.45 0.45 1.85
CA ILE A 28 8.29 1.88 1.52
C ILE A 28 7.45 2.51 2.65
N CYS A 29 7.14 3.79 2.54
CA CYS A 29 6.32 4.47 3.57
C CYS A 29 5.06 5.00 2.88
N THR A 30 4.11 4.10 2.77
CA THR A 30 2.80 4.43 2.12
C THR A 30 1.61 3.90 2.95
N ASN A 31 0.44 4.05 2.38
CA ASN A 31 -0.82 3.59 3.05
C ASN A 31 -1.90 3.15 2.06
N CYS A 32 -2.69 2.20 2.50
CA CYS A 32 -3.81 1.64 1.67
C CYS A 32 -4.74 2.75 1.14
N CYS A 33 -4.93 3.75 1.97
CA CYS A 33 -5.81 4.91 1.60
C CYS A 33 -5.35 5.50 0.26
N ALA A 34 -4.05 5.63 0.10
CA ALA A 34 -3.50 6.19 -1.17
C ALA A 34 -3.75 5.20 -2.31
N GLY A 35 -3.32 3.97 -2.10
CA GLY A 35 -3.50 2.89 -3.11
C GLY A 35 -4.94 2.72 -3.60
N THR A 36 -5.06 2.36 -4.85
CA THR A 36 -6.39 2.15 -5.49
C THR A 36 -6.37 0.82 -6.27
N LYS A 37 -7.43 0.54 -6.97
CA LYS A 37 -7.58 -0.72 -7.78
C LYS A 37 -6.26 -1.19 -8.41
N GLY A 38 -6.01 -2.47 -8.25
CA GLY A 38 -4.77 -3.10 -8.79
C GLY A 38 -3.70 -3.20 -7.71
N CYS A 39 -3.58 -2.15 -6.94
CA CYS A 39 -2.57 -2.11 -5.83
C CYS A 39 -2.88 -3.16 -4.77
N LYS A 40 -1.84 -3.58 -4.10
CA LYS A 40 -1.93 -4.62 -3.02
C LYS A 40 -1.02 -4.22 -1.87
N TYR A 41 -1.61 -3.66 -0.85
CA TYR A 41 -0.87 -3.22 0.36
C TYR A 41 -0.77 -4.30 1.45
N PHE A 42 0.46 -4.64 1.77
CA PHE A 42 0.78 -5.66 2.80
C PHE A 42 1.73 -5.12 3.89
N SER A 43 1.55 -5.71 5.05
CA SER A 43 2.33 -5.40 6.26
C SER A 43 3.75 -5.98 6.17
N ASP A 44 4.48 -5.75 7.23
CA ASP A 44 5.89 -6.25 7.35
C ASP A 44 5.90 -7.63 7.99
N ASP A 45 4.84 -7.92 8.70
CA ASP A 45 4.68 -9.23 9.40
C ASP A 45 4.36 -10.34 8.38
N GLY A 46 4.36 -9.98 7.11
CA GLY A 46 4.07 -10.96 6.04
C GLY A 46 2.59 -11.31 6.20
N THR A 47 1.80 -10.28 6.06
CA THR A 47 0.34 -10.36 6.18
C THR A 47 -0.30 -9.24 5.36
N PHE A 48 -0.99 -9.65 4.32
CA PHE A 48 -1.69 -8.70 3.40
C PHE A 48 -2.78 -7.91 4.14
N VAL A 49 -2.81 -6.64 3.86
CA VAL A 49 -3.81 -5.73 4.52
C VAL A 49 -4.96 -5.38 3.55
N CYS A 50 -4.67 -4.73 2.44
CA CYS A 50 -5.78 -4.38 1.49
C CYS A 50 -5.27 -4.40 0.06
N GLU A 51 -6.20 -4.23 -0.86
CA GLU A 51 -5.85 -4.23 -2.31
C GLU A 51 -6.60 -3.02 -2.89
N GLY A 52 -5.87 -1.93 -2.99
CA GLY A 52 -6.44 -0.67 -3.52
C GLY A 52 -7.55 -0.10 -2.65
N GLU A 53 -8.47 0.59 -3.27
CA GLU A 53 -9.61 1.20 -2.54
C GLU A 53 -10.80 1.43 -3.50
N SER A 54 -10.49 1.77 -4.73
CA SER A 54 -11.58 2.01 -5.74
C SER A 54 -11.24 1.24 -7.03
#